data_6V0V
#
_entry.id   6V0V
#
_cell.length_a   1.00
_cell.length_b   1.00
_cell.length_c   1.00
_cell.angle_alpha   90.00
_cell.angle_beta   90.00
_cell.angle_gamma   90.00
#
_symmetry.space_group_name_H-M   'P 1'
#
loop_
_entity.id
_entity.type
_entity.pdbx_description
1 polymer 'V(D)J recombination-activating protein 1'
2 polymer 'V(D)J recombination-activating protein 2'
3 polymer 'DNA (30-MER)'
4 polymer 'DNA (30-MER)'
5 non-polymer 'CALCIUM ION'
6 non-polymer 'ZINC ION'
#
loop_
_entity_poly.entity_id
_entity_poly.type
_entity_poly.pdbx_seq_one_letter_code
_entity_poly.pdbx_strand_id
1 'polypeptide(L)'
;NCSKIHLSTKLLAVDFPAHFVKSISCQICEHILADPVETSCKHLFCRICILRCLKVMGSYCPSCRYPCFPTDLESPVKSF
LNILNSLMVKCPAQDCNEEVSLEKYNHHVSSHKESKETLVHINKGGRPRQHLLSLTRRAQKHRLRELKIQVKEFADKEEG
GDVKAVCLTLFLLALRARNEHRQADELEAIMQGRGSGLQPAVCLAIRVNTFLSCSQYHKMYRTVKAITGRQIFQPLHALR
NAEKVLLPGYHPFEWQPPLKNVSSRTDVGIIDGLSGLASSVDEYPVDTIAKRFRYDSALVSALMDMEEDILEGMRSQDLD
DYLNGPFTVVVKESCDGMGDVSEKHGSGPAVPEKAVRFSFTVMRITIEHGSQNVKVFEEPKPNSELCCKPLCLMLADESD
HETLTAILSPLIAEREAMKSSELTLEMGGIPRTFKFIFRGTGYDEKLVREVEGLEASGSVYICTLCDTTRLEASQNLVFH
SITRSHAENLQRYEVWRSNPYHESVEELRDRVKGVSAKPFIETVPSIDALHCDIGNAAEFYKIFQLEIGEVYKHPNASKE
ERKRWQATLDKHLRKRMNLKPIMRMNGNFARKLMTQETVDAVCELIPSEERHEALRELMDLYLKMKPVWRSSCPAKECPE
SLCQYSFNSQRFAELLSTKFKYRYEGKITNYFHKTLAHVPEIIERDGSIGAWASEGNESGNKLFRRFRKMNARQSKCYEM
EDVLKHHWLYTSKYLQKFMNAHNALKSSGFTMNSKETLGDPLGIEDSLESQDSME
;
A
2 'polypeptide(L)'
;MSLQMVTVGHNIALIQPGFSLMNFDGQVFFFGQKGWPKRSCPTGVFHFDIKQNHLKLKPAIFSKDSCYLPPLRYPATCSY
KGSIDSDKHQYIIHGGKTPNNELSDKIYIMSVACKNNKKVTFRCTEKDLVGDVPEPRYGHSIDVVYSRGKSMGVLFGGRS
YMPSTQRTTEKWNSVADCLPHVFLIDFEFGCATSYILPELQDGLSFHVSIARNDTVYILGGHSLASNIRPANLYRIRVDL
PLGTPAVNCTVLPGGISVSSAILTQTNNDEFVIVGGYQLENQKRMVCSLVSLGDNTIEISEMETPDWTSDIKHSKIWFGS
NMGNGTIFLGIPGDNKQAMSEAFYFYTLRCSEEDLSEDQKIVSNSQTSTEDPGDSTPFEDSEEFCFSAEATSFDGDDEFD
TYNEDDEDDESVTGYWITCCPTCDVDINTWVPFYSTELNKPAMIYCSHGDGHWVHAQCMDLEERTLIHLSEGSNKYYCNE
HVQIARALQAPKRNPPLQKPPMKSLHKKGSGKVLTPAKKS
;
B
3 'polydeoxyribonucleotide'
;(DC)(DG)(DG)(DG)(DT)(DT)(DT)(DT)(DT)(DG)(DT)(DT)(DA)(DA)(DG)(DG)(DG)(DC)(DT)(DG)
(DT)(DA)(DT)(DC)(DA)(DC)(DT)(DG)(DT)(DG)(DT)(DA)(DA)(DG)(DA)(DC)(DA)(DG)(DG)(DC)
(DC)(DA)(DG)(DA)(DT)(DC)
;
F
4 'polydeoxyribonucleotide'
;(DG)(DA)(DT)(DC)(DT)(DG)(DG)(DC)(DC)(DT)(DG)(DT)(DC)(DT)(DT)(DA)(DC)(DA)(DC)(DA)
(DG)(DT)(DG)(DA)(DT)(DA)(DC)(DA)(DG)(DC)(DC)(DC)(DT)(DT)(DA)(DA)(DC)(DA)(DA)(DA)
(DA)(DA)(DC)(DC)(DC)(DG)
;
I
#
loop_
_chem_comp.id
_chem_comp.type
_chem_comp.name
_chem_comp.formula
CA non-polymer 'CALCIUM ION' 'Ca 2'
DA DNA linking 2'-DEOXYADENOSINE-5'-MONOPHOSPHATE 'C10 H14 N5 O6 P'
DC DNA linking 2'-DEOXYCYTIDINE-5'-MONOPHOSPHATE 'C9 H14 N3 O7 P'
DG DNA linking 2'-DEOXYGUANOSINE-5'-MONOPHOSPHATE 'C10 H14 N5 O7 P'
DT DNA linking THYMIDINE-5'-MONOPHOSPHATE 'C10 H15 N2 O8 P'
ZN non-polymer 'ZINC ION' 'Zn 2'
#
# COMPACT_ATOMS: atom_id res chain seq x y z
N GLY A 197 33.91 37.03 7.45
CA GLY A 197 32.54 36.60 7.64
C GLY A 197 32.10 35.59 6.60
N LEU A 198 30.94 35.01 6.84
CA LEU A 198 30.48 33.86 6.07
C LEU A 198 29.13 34.17 5.42
N GLN A 199 28.81 33.39 4.39
CA GLN A 199 27.46 33.40 3.85
C GLN A 199 26.51 32.75 4.85
N PRO A 200 25.22 32.99 4.75
CA PRO A 200 24.28 32.11 5.46
C PRO A 200 24.24 30.72 4.89
N ALA A 201 24.57 30.56 3.61
CA ALA A 201 24.42 29.27 2.95
C ALA A 201 25.49 28.29 3.41
N VAL A 202 26.72 28.76 3.62
CA VAL A 202 27.79 27.87 4.05
C VAL A 202 27.52 27.36 5.47
N CYS A 203 27.05 28.22 6.36
CA CYS A 203 26.80 27.75 7.71
C CYS A 203 25.50 26.97 7.79
N LEU A 204 24.60 27.16 6.83
CA LEU A 204 23.46 26.26 6.72
C LEU A 204 23.92 24.87 6.33
N ALA A 205 24.85 24.78 5.37
CA ALA A 205 25.41 23.49 4.99
C ALA A 205 26.18 22.87 6.14
N ILE A 206 26.76 23.70 6.99
CA ILE A 206 27.39 23.19 8.20
C ILE A 206 26.36 22.58 9.13
N ARG A 207 25.38 23.38 9.58
CA ARG A 207 24.47 22.94 10.64
C ARG A 207 23.60 21.78 10.18
N VAL A 208 23.35 21.68 8.88
CA VAL A 208 22.72 20.47 8.40
C VAL A 208 23.72 19.34 8.34
N ASN A 209 24.88 19.53 7.71
CA ASN A 209 25.69 18.40 7.30
C ASN A 209 26.55 17.83 8.40
N THR A 210 26.47 18.36 9.61
CA THR A 210 27.07 17.66 10.75
C THR A 210 26.16 17.61 11.97
N PHE A 211 24.85 17.76 11.77
CA PHE A 211 23.81 17.35 12.71
C PHE A 211 23.88 18.09 14.04
N LEU A 212 24.20 19.37 14.04
CA LEU A 212 24.04 20.10 15.29
C LEU A 212 22.59 20.35 15.59
N SER A 213 22.35 20.87 16.78
CA SER A 213 21.00 21.05 17.27
C SER A 213 20.44 22.38 16.80
N CYS A 214 19.32 22.75 17.39
CA CYS A 214 18.78 24.08 17.26
C CYS A 214 19.38 25.03 18.28
N SER A 215 20.16 24.51 19.23
CA SER A 215 20.68 25.30 20.34
C SER A 215 22.17 25.17 20.56
N GLN A 216 22.77 24.05 20.19
CA GLN A 216 24.22 23.92 20.32
C GLN A 216 24.93 24.88 19.38
N TYR A 217 24.34 25.10 18.21
CA TYR A 217 24.88 26.06 17.26
C TYR A 217 24.89 27.47 17.84
N HIS A 218 23.92 27.79 18.69
CA HIS A 218 23.92 29.09 19.35
C HIS A 218 25.09 29.22 20.29
N LYS A 219 25.47 28.13 20.95
CA LYS A 219 26.63 28.13 21.83
C LYS A 219 27.91 28.35 21.05
N MET A 220 28.06 27.60 19.93
CA MET A 220 29.26 27.75 19.11
C MET A 220 29.39 29.15 18.54
N TYR A 221 28.26 29.70 18.08
CA TYR A 221 28.24 31.06 17.55
C TYR A 221 28.60 32.08 18.61
N ARG A 222 28.04 31.96 19.81
CA ARG A 222 28.27 33.00 20.81
C ARG A 222 29.68 32.91 21.38
N THR A 223 30.27 31.70 21.43
CA THR A 223 31.65 31.61 21.89
C THR A 223 32.62 32.15 20.85
N VAL A 224 32.39 31.84 19.57
CA VAL A 224 33.28 32.35 18.53
C VAL A 224 33.19 33.87 18.44
N LYS A 225 31.98 34.40 18.49
CA LYS A 225 31.80 35.85 18.41
C LYS A 225 32.32 36.54 19.67
N ALA A 226 32.26 35.88 20.82
CA ALA A 226 32.80 36.50 22.02
C ALA A 226 34.31 36.50 22.01
N ILE A 227 34.92 35.45 21.46
CA ILE A 227 36.37 35.35 21.51
C ILE A 227 37.01 36.21 20.43
N THR A 228 36.72 35.92 19.16
CA THR A 228 37.46 36.55 18.08
C THR A 228 36.85 37.89 17.66
N GLY A 229 35.88 38.40 18.41
CA GLY A 229 35.37 39.73 18.18
C GLY A 229 34.43 39.83 16.99
N ARG A 230 34.95 39.61 15.79
CA ARG A 230 34.12 39.58 14.60
C ARG A 230 33.26 38.34 14.60
N GLN A 231 32.03 38.47 14.12
CA GLN A 231 31.19 37.30 13.99
C GLN A 231 31.58 36.52 12.74
N ILE A 232 31.72 35.22 12.90
CA ILE A 232 32.11 34.36 11.80
C ILE A 232 30.98 33.47 11.36
N PHE A 233 30.17 32.97 12.28
CA PHE A 233 28.99 32.20 11.96
C PHE A 233 27.78 33.11 12.01
N GLN A 234 26.91 32.96 11.01
CA GLN A 234 25.71 33.75 10.96
C GLN A 234 24.76 33.33 12.08
N PRO A 235 23.97 34.26 12.60
CA PRO A 235 23.04 33.91 13.69
C PRO A 235 21.88 33.04 13.24
N LEU A 236 20.94 32.79 14.16
CA LEU A 236 19.91 31.80 13.91
C LEU A 236 18.85 32.28 12.94
N HIS A 237 18.28 33.47 13.19
CA HIS A 237 17.18 33.92 12.35
C HIS A 237 17.65 34.25 10.95
N ALA A 238 18.89 34.74 10.83
CA ALA A 238 19.46 34.94 9.52
C ALA A 238 19.79 33.62 8.84
N LEU A 239 19.95 32.55 9.61
CA LEU A 239 20.03 31.24 8.98
C LEU A 239 18.66 30.77 8.55
N ARG A 240 17.65 31.09 9.35
CA ARG A 240 16.32 30.55 9.10
C ARG A 240 15.69 31.20 7.87
N ASN A 241 15.95 32.48 7.66
CA ASN A 241 15.47 33.13 6.45
C ASN A 241 16.18 32.59 5.22
N ALA A 242 17.39 32.10 5.38
CA ALA A 242 18.09 31.48 4.27
C ALA A 242 17.72 30.02 4.08
N GLU A 243 16.97 29.41 5.00
CA GLU A 243 16.44 28.09 4.69
C GLU A 243 15.39 28.16 3.59
N LYS A 244 14.59 29.22 3.58
CA LYS A 244 13.34 29.21 2.82
C LYS A 244 13.55 29.29 1.33
N VAL A 245 14.76 29.61 0.89
CA VAL A 245 15.07 29.62 -0.53
C VAL A 245 15.19 28.18 -0.99
N LEU A 246 15.78 27.34 -0.15
CA LEU A 246 16.08 25.99 -0.57
C LEU A 246 14.93 25.01 -0.37
N LEU A 247 13.97 25.34 0.48
CA LEU A 247 12.80 24.49 0.63
C LEU A 247 11.94 24.59 -0.62
N PRO A 248 11.08 23.61 -0.87
CA PRO A 248 10.05 23.80 -1.88
C PRO A 248 9.05 24.86 -1.45
N GLY A 249 8.52 25.55 -2.45
CA GLY A 249 7.53 26.58 -2.20
C GLY A 249 8.13 27.96 -2.09
N TYR A 250 8.95 28.33 -3.09
CA TYR A 250 9.48 29.67 -3.10
C TYR A 250 9.42 30.36 -4.46
N HIS A 251 9.37 29.63 -5.56
CA HIS A 251 9.62 30.29 -6.82
C HIS A 251 8.43 30.15 -7.75
N PRO A 252 8.18 31.14 -8.60
CA PRO A 252 7.13 31.01 -9.61
C PRO A 252 7.50 30.02 -10.68
N PHE A 253 6.46 29.42 -11.27
CA PHE A 253 6.54 28.33 -12.23
C PHE A 253 5.14 28.11 -12.76
N GLU A 254 5.01 27.56 -13.97
CA GLU A 254 3.67 27.20 -14.43
C GLU A 254 3.70 26.06 -15.43
N TRP A 255 2.54 25.47 -15.66
CA TRP A 255 2.43 24.28 -16.49
C TRP A 255 1.67 24.55 -17.78
N GLN A 256 2.00 23.78 -18.79
CA GLN A 256 1.33 23.88 -20.08
C GLN A 256 0.86 22.49 -20.48
N PRO A 257 -0.44 22.18 -20.36
CA PRO A 257 -1.55 22.99 -19.84
C PRO A 257 -1.54 23.02 -18.33
N PRO A 258 -2.36 23.87 -17.70
CA PRO A 258 -2.55 23.75 -16.24
C PRO A 258 -3.06 22.37 -15.89
N LEU A 259 -2.56 21.84 -14.77
CA LEU A 259 -2.67 20.41 -14.50
C LEU A 259 -4.08 20.05 -14.04
N LYS A 260 -4.58 18.94 -14.56
CA LYS A 260 -5.88 18.45 -14.12
C LYS A 260 -5.78 17.94 -12.69
N ASN A 261 -6.76 18.33 -11.88
CA ASN A 261 -7.00 17.92 -10.49
C ASN A 261 -5.92 18.41 -9.53
N VAL A 262 -4.95 19.18 -9.97
CA VAL A 262 -3.92 19.71 -9.10
C VAL A 262 -4.27 21.16 -8.80
N SER A 263 -4.10 21.56 -7.53
CA SER A 263 -4.23 22.97 -7.22
C SER A 263 -3.10 23.75 -7.89
N SER A 264 -3.43 24.96 -8.33
CA SER A 264 -2.52 25.73 -9.16
C SER A 264 -1.61 26.66 -8.37
N ARG A 265 -1.71 26.67 -7.05
CA ARG A 265 -0.94 27.61 -6.26
C ARG A 265 0.55 27.27 -6.27
N THR A 266 1.37 28.29 -6.04
CA THR A 266 2.82 28.15 -6.06
C THR A 266 3.41 28.29 -4.66
N ASP A 267 2.57 28.53 -3.66
CA ASP A 267 3.04 28.91 -2.33
C ASP A 267 2.61 27.84 -1.33
N VAL A 268 2.87 26.58 -1.70
CA VAL A 268 2.60 25.46 -0.81
C VAL A 268 3.87 25.16 -0.03
N GLY A 269 3.72 24.73 1.21
CA GLY A 269 4.87 24.33 1.98
C GLY A 269 4.90 22.83 2.15
N ILE A 270 5.02 22.40 3.40
CA ILE A 270 4.83 21.00 3.76
C ILE A 270 3.34 20.79 4.01
N ILE A 271 2.78 19.81 3.37
CA ILE A 271 1.35 19.56 3.49
C ILE A 271 1.13 18.28 4.27
N ASP A 272 -0.06 18.16 4.84
CA ASP A 272 -0.38 16.98 5.63
C ASP A 272 -0.53 15.77 4.72
N GLY A 273 -0.03 14.64 5.20
CA GLY A 273 0.07 13.47 4.33
C GLY A 273 -1.24 12.73 4.13
N LEU A 274 -2.24 13.02 4.96
CA LEU A 274 -3.50 12.31 4.86
C LEU A 274 -4.34 12.76 3.68
N SER A 275 -3.94 13.85 3.01
CA SER A 275 -4.68 14.48 1.91
C SER A 275 -6.11 14.80 2.31
N GLY A 276 -6.26 15.33 3.52
CA GLY A 276 -7.57 15.71 4.02
C GLY A 276 -8.50 14.55 4.30
N LEU A 277 -7.94 13.39 4.59
CA LEU A 277 -8.77 12.26 5.00
C LEU A 277 -9.34 12.53 6.38
N ALA A 278 -10.66 12.45 6.49
CA ALA A 278 -11.31 12.57 7.78
C ALA A 278 -10.95 11.36 8.64
N SER A 279 -10.54 11.63 9.87
CA SER A 279 -10.24 10.58 10.85
C SER A 279 -11.23 10.81 11.99
N SER A 280 -12.42 10.27 11.84
CA SER A 280 -13.48 10.45 12.82
C SER A 280 -13.79 9.12 13.49
N VAL A 281 -14.46 9.21 14.64
CA VAL A 281 -14.78 8.01 15.40
C VAL A 281 -15.85 7.18 14.70
N ASP A 282 -16.64 7.82 13.85
CA ASP A 282 -17.75 7.12 13.20
C ASP A 282 -17.28 6.20 12.10
N GLU A 283 -16.15 6.51 11.47
CA GLU A 283 -15.66 5.75 10.34
C GLU A 283 -14.42 4.96 10.72
N TYR A 284 -13.74 4.44 9.70
CA TYR A 284 -12.57 3.57 9.83
C TYR A 284 -11.47 4.21 10.67
N PRO A 285 -10.74 3.43 11.47
CA PRO A 285 -9.73 4.02 12.34
C PRO A 285 -8.38 4.11 11.64
N VAL A 286 -7.76 5.29 11.71
CA VAL A 286 -6.39 5.48 11.29
C VAL A 286 -5.64 6.13 12.42
N ASP A 287 -4.35 5.79 12.54
CA ASP A 287 -3.50 6.31 13.58
C ASP A 287 -2.13 6.73 13.07
N THR A 288 -1.90 6.61 11.77
CA THR A 288 -0.61 6.91 11.20
C THR A 288 -0.43 8.40 11.03
N ILE A 289 0.82 8.83 11.12
CA ILE A 289 1.21 10.20 10.83
C ILE A 289 2.04 10.17 9.57
N ALA A 290 1.73 11.06 8.65
CA ALA A 290 2.46 11.10 7.39
C ALA A 290 2.60 12.56 6.98
N LYS A 291 3.75 12.88 6.40
CA LYS A 291 4.01 14.23 5.94
C LYS A 291 4.65 14.18 4.57
N ARG A 292 4.42 15.24 3.79
CA ARG A 292 4.88 15.29 2.42
C ARG A 292 4.84 16.70 1.89
N PHE A 293 5.47 16.88 0.74
CA PHE A 293 5.26 18.02 -0.12
C PHE A 293 4.15 17.66 -1.11
N ARG A 294 4.04 18.47 -2.16
CA ARG A 294 3.37 18.04 -3.38
C ARG A 294 4.40 17.35 -4.25
N TYR A 295 4.05 17.07 -5.50
CA TYR A 295 5.01 16.46 -6.39
C TYR A 295 5.59 17.44 -7.39
N ASP A 296 4.79 18.41 -7.84
CA ASP A 296 5.34 19.46 -8.69
C ASP A 296 6.29 20.35 -7.90
N SER A 297 5.88 20.73 -6.69
CA SER A 297 6.64 21.68 -5.91
C SER A 297 7.96 21.11 -5.44
N ALA A 298 8.05 19.80 -5.33
CA ALA A 298 9.35 19.19 -5.06
C ALA A 298 10.22 19.15 -6.30
N LEU A 299 9.63 18.89 -7.47
CA LEU A 299 10.42 18.83 -8.69
C LEU A 299 10.92 20.22 -9.08
N VAL A 300 10.20 21.26 -8.68
CA VAL A 300 10.64 22.63 -8.93
C VAL A 300 11.94 22.90 -8.19
N SER A 301 11.99 22.60 -6.89
CA SER A 301 13.20 22.85 -6.15
C SER A 301 14.30 21.88 -6.53
N ALA A 302 13.93 20.67 -6.97
CA ALA A 302 14.93 19.72 -7.39
C ALA A 302 15.59 20.13 -8.69
N LEU A 303 14.86 20.82 -9.56
CA LEU A 303 15.52 21.31 -10.76
C LEU A 303 16.26 22.62 -10.49
N MET A 304 15.70 23.48 -9.65
CA MET A 304 16.33 24.76 -9.43
C MET A 304 17.53 24.69 -8.50
N ASP A 305 17.71 23.62 -7.75
CA ASP A 305 18.94 23.55 -6.98
C ASP A 305 20.13 23.14 -7.83
N MET A 306 19.90 22.44 -8.92
CA MET A 306 20.99 22.09 -9.81
C MET A 306 21.10 23.04 -10.99
N GLU A 307 20.79 24.32 -10.79
CA GLU A 307 20.82 25.30 -11.87
C GLU A 307 22.22 25.54 -12.37
N GLU A 308 23.18 25.69 -11.45
CA GLU A 308 24.56 25.92 -11.83
C GLU A 308 25.14 24.70 -12.51
N ASP A 309 24.68 23.51 -12.11
CA ASP A 309 25.17 22.29 -12.71
C ASP A 309 24.65 22.09 -14.12
N ILE A 310 23.40 22.43 -14.41
CA ILE A 310 22.95 22.27 -15.78
C ILE A 310 23.49 23.39 -16.66
N LEU A 311 23.69 24.58 -16.11
CA LEU A 311 24.30 25.65 -16.89
C LEU A 311 25.75 25.34 -17.22
N GLU A 312 26.49 24.80 -16.25
CA GLU A 312 27.87 24.43 -16.51
C GLU A 312 27.94 23.23 -17.43
N GLY A 313 26.93 22.36 -17.40
CA GLY A 313 26.86 21.28 -18.37
C GLY A 313 26.59 21.78 -19.77
N MET A 314 25.79 22.84 -19.88
CA MET A 314 25.55 23.47 -21.18
C MET A 314 26.81 24.13 -21.69
N ARG A 315 27.61 24.70 -20.78
CA ARG A 315 28.89 25.28 -21.16
C ARG A 315 29.86 24.21 -21.64
N SER A 316 29.97 23.12 -20.88
CA SER A 316 30.96 22.09 -21.17
C SER A 316 30.58 21.25 -22.38
N GLN A 317 29.30 21.22 -22.73
CA GLN A 317 28.87 20.48 -23.90
C GLN A 317 28.62 21.36 -25.11
N ASP A 318 29.18 22.57 -25.11
CA ASP A 318 29.29 23.45 -26.27
C ASP A 318 27.91 23.84 -26.82
N LEU A 319 27.12 24.49 -25.98
CA LEU A 319 25.80 24.94 -26.40
C LEU A 319 25.53 26.32 -25.82
N ASP A 320 24.46 26.93 -26.31
CA ASP A 320 24.09 28.26 -25.88
C ASP A 320 23.61 28.23 -24.44
N ASP A 321 24.17 29.11 -23.62
CA ASP A 321 23.67 29.26 -22.25
C ASP A 321 22.33 29.98 -22.24
N TYR A 322 21.99 30.67 -23.31
CA TYR A 322 20.70 31.32 -23.48
C TYR A 322 19.72 30.44 -24.24
N LEU A 323 19.61 29.17 -23.88
CA LEU A 323 18.81 28.22 -24.63
C LEU A 323 17.55 27.89 -23.84
N ASN A 324 16.45 27.65 -24.55
CA ASN A 324 15.16 27.39 -23.90
C ASN A 324 14.49 26.18 -24.51
N GLY A 325 15.24 25.11 -24.72
CA GLY A 325 14.73 23.94 -25.38
C GLY A 325 13.89 23.07 -24.45
N PRO A 326 13.17 22.12 -25.04
CA PRO A 326 12.34 21.18 -24.26
C PRO A 326 13.15 20.04 -23.64
N PHE A 327 13.66 20.30 -22.43
CA PHE A 327 14.42 19.27 -21.72
C PHE A 327 13.52 18.11 -21.31
N THR A 328 14.11 16.93 -21.24
CA THR A 328 13.46 15.75 -20.70
C THR A 328 14.21 15.37 -19.44
N VAL A 329 13.46 15.23 -18.37
CA VAL A 329 14.02 14.90 -17.06
C VAL A 329 13.60 13.48 -16.72
N VAL A 330 14.58 12.62 -16.45
CA VAL A 330 14.31 11.25 -16.09
C VAL A 330 14.37 11.16 -14.57
N VAL A 331 13.28 10.74 -13.96
CA VAL A 331 13.16 10.68 -12.50
C VAL A 331 12.98 9.23 -12.10
N LYS A 332 13.80 8.75 -11.17
CA LYS A 332 13.68 7.40 -10.65
C LYS A 332 13.04 7.43 -9.27
N GLU A 333 11.94 6.70 -9.10
CA GLU A 333 11.25 6.65 -7.81
C GLU A 333 11.64 5.43 -7.00
N SER A 334 11.56 5.57 -5.68
CA SER A 334 11.97 4.55 -4.74
C SER A 334 11.11 4.61 -3.49
N CYS A 335 10.91 3.44 -2.87
CA CYS A 335 10.04 3.30 -1.72
C CYS A 335 10.39 2.01 -0.99
N ASP A 336 10.50 2.09 0.33
CA ASP A 336 10.82 0.91 1.14
C ASP A 336 10.34 1.13 2.56
N GLY A 337 9.83 0.07 3.19
CA GLY A 337 9.61 0.11 4.63
C GLY A 337 10.91 -0.12 5.36
N MET A 338 11.16 0.73 6.36
CA MET A 338 12.44 0.77 7.06
C MET A 338 12.23 0.56 8.55
N GLY A 339 11.27 -0.29 8.89
CA GLY A 339 10.72 -0.43 10.22
C GLY A 339 11.60 -0.79 11.42
N ASP A 340 10.96 -0.92 12.58
CA ASP A 340 11.61 -1.08 13.89
C ASP A 340 12.56 0.09 14.17
N VAL A 341 11.97 1.26 14.32
CA VAL A 341 12.70 2.50 14.51
C VAL A 341 12.41 3.18 15.84
N SER A 342 11.92 2.46 16.84
CA SER A 342 11.48 3.05 18.09
C SER A 342 12.68 3.40 18.98
N GLU A 343 12.39 3.85 20.20
CA GLU A 343 13.42 4.15 21.18
C GLU A 343 12.81 3.98 22.57
N LYS A 344 13.68 3.82 23.57
CA LYS A 344 13.24 3.71 24.96
C LYS A 344 13.39 5.06 25.68
N PRO A 352 7.58 -2.06 18.79
CA PRO A 352 8.25 -1.46 17.63
C PRO A 352 7.29 -0.54 16.90
N GLU A 353 7.83 0.17 15.92
CA GLU A 353 6.99 0.92 15.00
C GLU A 353 7.69 0.97 13.65
N LYS A 354 6.90 1.01 12.60
CA LYS A 354 7.47 0.97 11.27
C LYS A 354 7.27 2.31 10.58
N ALA A 355 7.97 2.50 9.48
CA ALA A 355 7.91 3.74 8.75
C ALA A 355 8.28 3.45 7.30
N VAL A 356 7.65 4.18 6.40
CA VAL A 356 7.92 4.05 4.97
C VAL A 356 8.20 5.43 4.41
N ARG A 357 9.29 5.55 3.65
CA ARG A 357 9.54 6.75 2.86
C ARG A 357 9.31 6.42 1.39
N PHE A 358 8.67 7.32 0.69
CA PHE A 358 8.59 7.28 -0.77
C PHE A 358 9.39 8.46 -1.27
N SER A 359 10.32 8.20 -2.18
CA SER A 359 11.34 9.16 -2.54
C SER A 359 11.70 9.03 -4.00
N PHE A 360 12.32 10.09 -4.53
CA PHE A 360 12.68 10.11 -5.94
C PHE A 360 14.10 10.61 -6.16
N THR A 361 14.53 10.62 -7.43
CA THR A 361 15.90 10.98 -7.74
C THR A 361 15.93 11.58 -9.14
N VAL A 362 16.42 12.80 -9.25
CA VAL A 362 16.71 13.38 -10.55
C VAL A 362 17.93 12.66 -11.09
N MET A 363 17.83 12.10 -12.29
CA MET A 363 18.91 11.26 -12.76
C MET A 363 19.50 11.67 -14.10
N ARG A 364 18.69 12.09 -15.07
CA ARG A 364 19.27 12.47 -16.35
C ARG A 364 18.46 13.60 -16.96
N ILE A 365 19.11 14.73 -17.20
CA ILE A 365 18.47 15.87 -17.84
C ILE A 365 19.05 15.97 -19.25
N THR A 366 18.17 15.97 -20.25
CA THR A 366 18.62 15.77 -21.62
C THR A 366 17.81 16.65 -22.56
N ILE A 367 18.49 17.47 -23.36
CA ILE A 367 17.82 18.31 -24.33
C ILE A 367 17.87 17.62 -25.68
N GLU A 368 16.90 17.96 -26.54
CA GLU A 368 16.86 17.49 -27.92
C GLU A 368 17.29 18.65 -28.80
N HIS A 369 18.60 18.79 -28.98
CA HIS A 369 19.16 19.91 -29.74
C HIS A 369 19.48 19.47 -31.17
N GLY A 370 18.88 20.15 -32.13
CA GLY A 370 19.13 19.87 -33.52
C GLY A 370 18.56 18.53 -33.95
N SER A 371 19.45 17.59 -34.27
CA SER A 371 19.03 16.29 -34.77
C SER A 371 19.14 15.18 -33.74
N GLN A 372 19.79 15.43 -32.60
CA GLN A 372 19.99 14.38 -31.62
C GLN A 372 19.88 14.93 -30.20
N ASN A 373 20.16 14.09 -29.22
CA ASN A 373 20.09 14.50 -27.84
C ASN A 373 21.49 14.56 -27.24
N VAL A 374 21.61 15.33 -26.15
CA VAL A 374 22.85 15.43 -25.40
C VAL A 374 22.52 15.31 -23.92
N LYS A 375 23.42 14.67 -23.18
CA LYS A 375 23.30 14.58 -21.73
C LYS A 375 23.75 15.91 -21.13
N VAL A 376 22.78 16.81 -20.96
CA VAL A 376 23.05 18.08 -20.32
C VAL A 376 23.44 17.88 -18.87
N PHE A 377 22.79 16.94 -18.18
CA PHE A 377 23.19 16.63 -16.82
C PHE A 377 23.03 15.14 -16.57
N GLU A 378 24.07 14.54 -16.01
CA GLU A 378 24.04 13.16 -15.62
C GLU A 378 24.52 13.05 -14.18
N GLU A 379 23.98 12.11 -13.46
CA GLU A 379 24.32 12.00 -12.05
C GLU A 379 25.60 11.21 -11.88
N PRO A 380 26.59 11.73 -11.13
CA PRO A 380 27.86 11.00 -10.96
C PRO A 380 27.71 9.72 -10.18
N LYS A 381 27.14 9.80 -8.97
CA LYS A 381 26.87 8.62 -8.15
C LYS A 381 25.35 8.47 -8.05
N PRO A 382 24.78 7.54 -8.80
CA PRO A 382 23.33 7.37 -8.79
C PRO A 382 22.80 6.83 -7.47
N ASN A 383 23.30 5.67 -7.07
CA ASN A 383 22.74 4.98 -5.91
C ASN A 383 23.51 5.27 -4.64
N SER A 384 23.62 6.53 -4.27
CA SER A 384 24.16 6.88 -2.97
C SER A 384 23.12 7.66 -2.18
N GLU A 385 23.37 7.79 -0.89
CA GLU A 385 22.35 8.23 0.05
C GLU A 385 22.04 9.71 -0.01
N LEU A 386 22.87 10.52 -0.68
CA LEU A 386 22.74 11.96 -0.57
C LEU A 386 22.11 12.57 -1.82
N CYS A 387 21.57 11.76 -2.71
CA CYS A 387 20.96 12.26 -3.94
C CYS A 387 19.65 11.55 -4.23
N CYS A 388 18.95 11.09 -3.19
CA CYS A 388 17.57 10.66 -3.32
C CYS A 388 16.74 11.50 -2.36
N LYS A 389 15.78 12.19 -2.88
CA LYS A 389 15.23 13.24 -2.06
C LYS A 389 13.91 12.80 -1.45
N PRO A 390 13.68 13.10 -0.19
CA PRO A 390 12.50 12.57 0.47
C PRO A 390 11.25 13.29 0.05
N LEU A 391 10.24 12.52 -0.26
CA LEU A 391 9.02 13.13 -0.75
C LEU A 391 7.84 12.89 0.17
N CYS A 392 7.63 11.67 0.64
CA CYS A 392 6.66 11.50 1.69
C CYS A 392 7.19 10.48 2.68
N LEU A 393 6.74 10.62 3.92
CA LEU A 393 7.11 9.63 4.91
C LEU A 393 5.95 9.41 5.85
N MET A 394 5.80 8.16 6.28
CA MET A 394 4.64 7.73 7.02
C MET A 394 5.08 6.77 8.11
N LEU A 395 4.26 6.67 9.15
CA LEU A 395 4.48 5.74 10.24
C LEU A 395 3.42 4.67 10.15
N ALA A 396 3.71 3.64 9.35
CA ALA A 396 2.76 2.57 9.10
C ALA A 396 3.53 1.36 8.62
N ASP A 397 2.91 0.19 8.74
CA ASP A 397 3.50 -1.03 8.23
C ASP A 397 3.56 -0.98 6.72
N GLU A 398 4.56 -1.63 6.14
CA GLU A 398 4.67 -1.63 4.68
C GLU A 398 3.74 -2.62 4.02
N SER A 399 3.00 -3.41 4.79
CA SER A 399 1.97 -4.28 4.24
C SER A 399 0.58 -3.93 4.76
N ASP A 400 0.46 -2.90 5.60
CA ASP A 400 -0.84 -2.39 6.03
C ASP A 400 -1.46 -1.68 4.84
N HIS A 401 -2.08 -2.48 3.97
CA HIS A 401 -2.32 -2.09 2.59
C HIS A 401 -3.31 -0.95 2.47
N GLU A 402 -4.23 -0.86 3.43
CA GLU A 402 -5.25 0.18 3.41
C GLU A 402 -4.64 1.55 3.58
N THR A 403 -3.91 1.77 4.67
CA THR A 403 -3.34 3.08 4.94
C THR A 403 -2.24 3.42 3.96
N LEU A 404 -1.51 2.41 3.51
CA LEU A 404 -0.46 2.60 2.50
C LEU A 404 -1.05 3.13 1.19
N THR A 405 -2.14 2.52 0.74
CA THR A 405 -2.77 3.01 -0.47
C THR A 405 -3.42 4.37 -0.24
N ALA A 406 -3.97 4.59 0.94
CA ALA A 406 -4.66 5.83 1.23
C ALA A 406 -3.72 7.01 1.28
N ILE A 407 -2.45 6.78 1.59
CA ILE A 407 -1.51 7.89 1.53
C ILE A 407 -0.83 7.97 0.17
N LEU A 408 -0.45 6.86 -0.46
CA LEU A 408 0.28 6.96 -1.71
C LEU A 408 -0.58 7.17 -2.93
N SER A 409 -1.89 7.20 -2.80
CA SER A 409 -2.67 7.47 -4.01
C SER A 409 -2.63 8.92 -4.51
N PRO A 410 -2.57 9.98 -3.67
CA PRO A 410 -2.37 11.33 -4.23
C PRO A 410 -1.13 11.50 -5.07
N LEU A 411 -0.02 10.91 -4.67
CA LEU A 411 1.21 11.07 -5.43
C LEU A 411 1.12 10.34 -6.75
N ILE A 412 0.40 9.21 -6.77
CA ILE A 412 0.18 8.53 -8.03
C ILE A 412 -0.74 9.35 -8.93
N ALA A 413 -1.72 10.03 -8.34
CA ALA A 413 -2.60 10.91 -9.11
C ALA A 413 -1.83 12.07 -9.72
N GLU A 414 -0.95 12.68 -8.93
CA GLU A 414 -0.16 13.78 -9.44
C GLU A 414 0.86 13.31 -10.46
N ARG A 415 1.39 12.10 -10.28
CA ARG A 415 2.34 11.57 -11.25
C ARG A 415 1.67 11.29 -12.58
N GLU A 416 0.48 10.71 -12.56
CA GLU A 416 -0.25 10.51 -13.81
C GLU A 416 -0.73 11.83 -14.39
N ALA A 417 -0.90 12.85 -13.55
CA ALA A 417 -1.23 14.18 -14.07
C ALA A 417 -0.07 14.78 -14.85
N MET A 418 1.11 14.81 -14.25
CA MET A 418 2.24 15.47 -14.92
C MET A 418 3.01 14.52 -15.83
N LYS A 419 2.29 13.75 -16.63
CA LYS A 419 2.92 12.94 -17.65
C LYS A 419 2.61 13.44 -19.04
N SER A 420 1.74 14.44 -19.16
CA SER A 420 1.34 14.98 -20.44
C SER A 420 1.25 16.50 -20.37
N SER A 421 2.26 17.12 -19.75
CA SER A 421 2.33 18.56 -19.69
C SER A 421 3.78 19.01 -19.78
N GLU A 422 3.98 20.31 -19.71
CA GLU A 422 5.31 20.90 -19.70
C GLU A 422 5.42 21.88 -18.55
N LEU A 423 6.62 22.06 -18.05
CA LEU A 423 6.88 23.01 -16.98
C LEU A 423 7.73 24.14 -17.55
N THR A 424 7.20 25.35 -17.48
CA THR A 424 7.95 26.54 -17.84
C THR A 424 8.39 27.21 -16.55
N LEU A 425 9.67 27.60 -16.51
CA LEU A 425 10.33 27.99 -15.29
C LEU A 425 11.48 28.91 -15.61
N GLU A 426 11.57 30.05 -14.91
CA GLU A 426 12.64 31.00 -15.16
C GLU A 426 13.97 30.44 -14.71
N MET A 427 14.75 29.94 -15.66
CA MET A 427 15.97 29.19 -15.40
C MET A 427 17.13 29.97 -16.02
N GLY A 428 17.85 30.70 -15.17
CA GLY A 428 19.01 31.46 -15.59
C GLY A 428 18.65 32.59 -16.52
N GLY A 429 17.90 33.57 -16.03
CA GLY A 429 17.48 34.64 -16.91
C GLY A 429 16.22 34.27 -17.65
N ILE A 430 16.38 33.68 -18.83
CA ILE A 430 15.27 33.31 -19.70
C ILE A 430 14.52 32.12 -19.10
N PRO A 431 13.27 31.88 -19.48
CA PRO A 431 12.60 30.67 -19.03
C PRO A 431 12.95 29.47 -19.88
N ARG A 432 12.76 28.29 -19.29
CA ARG A 432 13.02 27.01 -19.93
C ARG A 432 11.85 26.07 -19.67
N THR A 433 11.79 25.01 -20.47
CA THR A 433 10.67 24.07 -20.45
C THR A 433 11.18 22.66 -20.23
N PHE A 434 10.47 21.92 -19.38
CA PHE A 434 10.80 20.54 -19.08
C PHE A 434 9.58 19.65 -19.25
N LYS A 435 9.83 18.46 -19.81
CA LYS A 435 8.90 17.35 -19.81
C LYS A 435 9.57 16.21 -19.09
N PHE A 436 8.78 15.30 -18.54
CA PHE A 436 9.31 14.32 -17.60
C PHE A 436 9.08 12.90 -18.09
N ILE A 437 9.94 12.01 -17.64
CA ILE A 437 9.77 10.58 -17.81
C ILE A 437 10.08 9.93 -16.47
N PHE A 438 9.14 9.17 -15.95
CA PHE A 438 9.25 8.57 -14.63
C PHE A 438 9.53 7.09 -14.78
N ARG A 439 10.43 6.57 -13.97
CA ARG A 439 10.64 5.14 -13.83
C ARG A 439 10.70 4.79 -12.35
N GLY A 440 9.67 4.14 -11.85
CA GLY A 440 9.69 3.74 -10.47
C GLY A 440 10.44 2.44 -10.38
N THR A 441 11.61 2.45 -9.75
CA THR A 441 12.47 1.28 -9.81
C THR A 441 12.89 0.86 -8.43
N GLY A 442 12.98 1.82 -7.51
CA GLY A 442 13.50 1.54 -6.20
C GLY A 442 12.54 0.75 -5.32
N TYR A 443 12.33 -0.51 -5.67
CA TYR A 443 11.48 -1.40 -4.92
C TYR A 443 12.16 -2.74 -4.74
N ASP A 444 12.05 -3.30 -3.55
CA ASP A 444 12.46 -4.68 -3.33
C ASP A 444 11.42 -5.62 -3.93
N GLU A 445 11.69 -6.92 -3.81
CA GLU A 445 10.83 -7.92 -4.45
C GLU A 445 9.46 -7.96 -3.79
N LYS A 446 9.39 -7.64 -2.51
CA LYS A 446 8.13 -7.68 -1.79
C LYS A 446 7.18 -6.59 -2.27
N LEU A 447 7.69 -5.37 -2.45
CA LEU A 447 6.82 -4.26 -2.78
C LEU A 447 6.37 -4.32 -4.23
N VAL A 448 7.27 -4.75 -5.13
CA VAL A 448 6.82 -4.94 -6.51
C VAL A 448 5.89 -6.13 -6.59
N ARG A 449 6.07 -7.10 -5.71
CA ARG A 449 5.20 -8.26 -5.71
C ARG A 449 3.84 -7.92 -5.11
N GLU A 450 3.77 -6.85 -4.33
CA GLU A 450 2.53 -6.50 -3.65
C GLU A 450 1.72 -5.43 -4.39
N VAL A 451 2.31 -4.26 -4.64
CA VAL A 451 1.49 -3.14 -5.11
C VAL A 451 1.26 -3.23 -6.60
N GLU A 452 2.04 -4.05 -7.31
CA GLU A 452 1.65 -4.36 -8.67
C GLU A 452 0.64 -5.49 -8.69
N GLY A 453 0.35 -6.10 -7.55
CA GLY A 453 -0.81 -6.94 -7.42
C GLY A 453 -0.64 -8.35 -7.92
N LEU A 454 0.51 -8.95 -7.64
CA LEU A 454 0.67 -10.37 -7.87
C LEU A 454 0.33 -11.11 -6.59
N GLU A 455 0.55 -12.42 -6.61
CA GLU A 455 0.44 -13.21 -5.39
C GLU A 455 1.58 -12.89 -4.43
N ALA A 456 1.53 -13.47 -3.23
CA ALA A 456 2.64 -13.26 -2.31
C ALA A 456 3.88 -14.01 -2.80
N SER A 457 5.01 -13.74 -2.14
CA SER A 457 6.33 -14.05 -2.69
C SER A 457 6.60 -15.54 -2.81
N GLY A 458 5.92 -16.37 -2.04
CA GLY A 458 6.08 -17.80 -2.17
C GLY A 458 5.23 -18.44 -3.23
N SER A 459 4.89 -17.73 -4.29
CA SER A 459 4.00 -18.26 -5.30
C SER A 459 4.69 -19.29 -6.17
N VAL A 460 3.87 -20.08 -6.86
CA VAL A 460 4.37 -20.96 -7.90
C VAL A 460 4.85 -20.13 -9.08
N TYR A 461 4.17 -19.03 -9.40
CA TYR A 461 4.65 -18.09 -10.40
C TYR A 461 5.63 -17.13 -9.75
N ILE A 462 6.83 -17.05 -10.32
CA ILE A 462 7.96 -16.40 -9.66
C ILE A 462 8.16 -14.99 -10.17
N CYS A 463 8.43 -14.85 -11.45
CA CYS A 463 9.05 -13.64 -11.99
C CYS A 463 8.05 -12.51 -12.07
N THR A 464 8.45 -11.33 -11.60
CA THR A 464 7.60 -10.17 -11.83
C THR A 464 7.74 -9.60 -13.22
N LEU A 465 8.58 -10.18 -14.06
CA LEU A 465 8.75 -9.72 -15.43
C LEU A 465 8.20 -10.69 -16.45
N CYS A 466 8.43 -11.99 -16.30
CA CYS A 466 7.85 -12.97 -17.18
C CYS A 466 6.90 -13.85 -16.39
N ASP A 467 6.35 -14.85 -17.07
CA ASP A 467 5.35 -15.74 -16.49
C ASP A 467 5.83 -17.19 -16.59
N THR A 468 6.24 -17.73 -15.44
CA THR A 468 6.76 -19.08 -15.41
C THR A 468 6.56 -19.68 -14.02
N THR A 469 6.61 -21.00 -13.96
CA THR A 469 6.54 -21.71 -12.69
C THR A 469 7.86 -22.41 -12.43
N ARG A 470 8.12 -22.70 -11.15
CA ARG A 470 9.43 -23.19 -10.77
C ARG A 470 9.63 -24.63 -11.20
N LEU A 471 8.54 -25.35 -11.41
CA LEU A 471 8.60 -26.69 -11.97
C LEU A 471 8.78 -26.68 -13.45
N GLU A 472 8.74 -25.49 -14.02
CA GLU A 472 9.01 -25.26 -15.43
C GLU A 472 10.24 -24.39 -15.64
N ALA A 473 10.53 -23.48 -14.70
CA ALA A 473 11.69 -22.61 -14.85
C ALA A 473 12.99 -23.37 -14.62
N SER A 474 12.94 -24.47 -13.86
CA SER A 474 14.15 -25.21 -13.56
C SER A 474 14.65 -26.04 -14.74
N GLN A 475 13.86 -26.16 -15.80
CA GLN A 475 14.25 -26.87 -17.01
C GLN A 475 14.53 -25.92 -18.15
N ASN A 476 13.61 -24.99 -18.40
CA ASN A 476 13.84 -23.91 -19.35
C ASN A 476 14.44 -22.75 -18.59
N LEU A 477 15.76 -22.58 -18.72
CA LEU A 477 16.47 -21.60 -17.91
C LEU A 477 16.54 -20.26 -18.60
N VAL A 478 17.04 -20.22 -19.83
CA VAL A 478 17.15 -18.94 -20.53
C VAL A 478 16.50 -18.98 -21.90
N PHE A 479 15.17 -18.78 -21.93
CA PHE A 479 14.48 -18.51 -23.18
C PHE A 479 13.32 -17.54 -22.98
N HIS A 480 13.36 -16.76 -21.91
CA HIS A 480 12.21 -15.93 -21.57
C HIS A 480 12.42 -14.52 -22.12
N SER A 481 11.51 -13.63 -21.76
CA SER A 481 11.61 -12.22 -22.09
C SER A 481 10.90 -11.46 -20.99
N ILE A 482 10.58 -10.20 -21.24
CA ILE A 482 9.75 -9.40 -20.35
C ILE A 482 8.34 -9.46 -20.89
N THR A 483 7.44 -10.11 -20.16
CA THR A 483 6.07 -10.26 -20.63
C THR A 483 5.06 -9.84 -19.59
N ARG A 484 5.39 -8.88 -18.74
CA ARG A 484 4.43 -8.38 -17.76
C ARG A 484 4.52 -6.87 -17.72
N SER A 485 3.56 -6.22 -18.33
CA SER A 485 3.47 -4.76 -18.28
C SER A 485 2.76 -4.35 -17.00
N HIS A 486 2.33 -3.10 -16.96
CA HIS A 486 1.41 -2.66 -15.93
C HIS A 486 -0.02 -2.64 -16.44
N ALA A 487 -0.20 -2.30 -17.71
CA ALA A 487 -1.55 -2.24 -18.28
C ALA A 487 -2.11 -3.65 -18.51
N GLU A 488 -1.26 -4.56 -18.97
CA GLU A 488 -1.65 -5.97 -19.08
C GLU A 488 -2.02 -6.52 -17.72
N ASN A 489 -1.26 -6.13 -16.70
CA ASN A 489 -1.57 -6.53 -15.34
C ASN A 489 -2.92 -6.00 -14.89
N LEU A 490 -3.24 -4.76 -15.26
CA LEU A 490 -4.51 -4.17 -14.84
C LEU A 490 -5.70 -4.84 -15.52
N GLN A 491 -5.60 -5.05 -16.84
CA GLN A 491 -6.70 -5.71 -17.54
C GLN A 491 -6.78 -7.18 -17.19
N ARG A 492 -5.68 -7.78 -16.73
CA ARG A 492 -5.75 -9.18 -16.34
C ARG A 492 -6.37 -9.30 -14.96
N TYR A 493 -6.21 -8.28 -14.12
CA TYR A 493 -7.03 -8.22 -12.91
C TYR A 493 -8.49 -8.09 -13.26
N GLU A 494 -8.80 -7.33 -14.29
CA GLU A 494 -10.20 -7.17 -14.68
C GLU A 494 -10.78 -8.48 -15.19
N VAL A 495 -9.99 -9.26 -15.93
CA VAL A 495 -10.51 -10.52 -16.43
C VAL A 495 -10.50 -11.56 -15.31
N TRP A 496 -9.75 -11.34 -14.25
CA TRP A 496 -9.97 -12.11 -13.03
C TRP A 496 -11.33 -11.80 -12.44
N ARG A 497 -11.64 -10.50 -12.31
CA ARG A 497 -12.82 -10.11 -11.56
C ARG A 497 -14.09 -10.47 -12.29
N SER A 498 -14.07 -10.43 -13.62
CA SER A 498 -15.29 -10.70 -14.35
C SER A 498 -15.60 -12.19 -14.42
N ASN A 499 -14.56 -13.02 -14.60
CA ASN A 499 -14.63 -14.45 -14.92
C ASN A 499 -15.52 -14.63 -16.15
N PRO A 500 -15.04 -14.28 -17.33
CA PRO A 500 -15.93 -14.30 -18.50
C PRO A 500 -16.11 -15.66 -19.11
N TYR A 501 -15.32 -16.65 -18.71
CA TYR A 501 -15.43 -17.97 -19.31
C TYR A 501 -16.06 -18.98 -18.37
N HIS A 502 -16.21 -18.62 -17.10
CA HIS A 502 -16.75 -19.47 -16.04
C HIS A 502 -15.97 -20.77 -15.93
N GLU A 503 -14.71 -20.65 -15.58
CA GLU A 503 -13.88 -21.79 -15.22
C GLU A 503 -13.59 -21.74 -13.73
N SER A 504 -13.14 -22.87 -13.19
CA SER A 504 -12.89 -22.94 -11.76
C SER A 504 -11.60 -22.20 -11.39
N VAL A 505 -11.36 -22.13 -10.08
CA VAL A 505 -10.37 -21.19 -9.55
C VAL A 505 -8.95 -21.62 -9.91
N GLU A 506 -8.69 -22.92 -9.97
CA GLU A 506 -7.32 -23.38 -10.13
C GLU A 506 -6.82 -23.19 -11.55
N GLU A 507 -7.70 -23.23 -12.54
CA GLU A 507 -7.31 -22.93 -13.91
C GLU A 507 -7.60 -21.50 -14.30
N LEU A 508 -8.44 -20.81 -13.52
CA LEU A 508 -8.51 -19.36 -13.64
C LEU A 508 -7.18 -18.72 -13.27
N ARG A 509 -6.60 -19.15 -12.14
CA ARG A 509 -5.30 -18.63 -11.75
C ARG A 509 -4.20 -19.11 -12.68
N ASP A 510 -4.45 -20.21 -13.39
CA ASP A 510 -3.58 -20.55 -14.51
C ASP A 510 -3.72 -19.55 -15.64
N ARG A 511 -4.94 -19.13 -15.95
CA ARG A 511 -5.13 -18.23 -17.09
C ARG A 511 -4.65 -16.83 -16.77
N VAL A 512 -4.87 -16.36 -15.55
CA VAL A 512 -4.47 -15.02 -15.18
C VAL A 512 -3.04 -14.99 -14.65
N LYS A 513 -2.36 -16.13 -14.64
CA LYS A 513 -0.93 -16.25 -14.32
C LYS A 513 -0.60 -15.71 -12.94
N GLY A 514 -1.54 -15.87 -12.02
CA GLY A 514 -1.29 -15.47 -10.66
C GLY A 514 -1.39 -13.99 -10.38
N VAL A 515 -2.31 -13.29 -11.01
CA VAL A 515 -2.68 -11.97 -10.54
C VAL A 515 -3.94 -12.12 -9.71
N SER A 516 -4.01 -11.38 -8.61
CA SER A 516 -5.20 -11.47 -7.78
C SER A 516 -5.59 -10.16 -7.16
N ALA A 517 -5.08 -9.04 -7.65
CA ALA A 517 -5.35 -7.77 -6.99
C ALA A 517 -5.33 -6.67 -8.02
N LYS A 518 -5.84 -5.51 -7.62
CA LYS A 518 -5.82 -4.36 -8.50
C LYS A 518 -4.52 -3.60 -8.29
N PRO A 519 -3.64 -3.55 -9.27
CA PRO A 519 -2.43 -2.75 -9.13
C PRO A 519 -2.78 -1.28 -9.14
N PHE A 520 -1.98 -0.48 -8.43
CA PHE A 520 -2.28 0.94 -8.34
C PHE A 520 -1.04 1.80 -8.42
N ILE A 521 0.13 1.22 -8.62
CA ILE A 521 1.35 2.00 -8.82
C ILE A 521 2.06 1.44 -10.03
N GLU A 522 2.23 2.27 -11.05
CA GLU A 522 2.97 1.86 -12.24
C GLU A 522 4.43 1.74 -11.89
N THR A 523 4.97 0.54 -12.00
CA THR A 523 6.40 0.32 -11.86
C THR A 523 6.98 -0.06 -13.21
N VAL A 524 8.29 0.01 -13.30
CA VAL A 524 8.98 -0.62 -14.42
C VAL A 524 9.32 -2.03 -13.97
N PRO A 525 9.08 -3.04 -14.82
CA PRO A 525 9.55 -4.38 -14.48
C PRO A 525 11.06 -4.48 -14.61
N SER A 526 11.72 -4.50 -13.46
CA SER A 526 13.18 -4.40 -13.42
C SER A 526 13.67 -4.92 -12.09
N ILE A 527 14.86 -5.51 -12.10
CA ILE A 527 15.40 -6.11 -10.91
C ILE A 527 16.00 -5.04 -10.02
N ASP A 528 16.05 -5.31 -8.72
CA ASP A 528 16.94 -4.56 -7.86
C ASP A 528 18.35 -5.13 -7.97
N ALA A 529 19.35 -4.27 -7.78
CA ALA A 529 20.74 -4.67 -7.87
C ALA A 529 21.27 -5.18 -6.53
N LEU A 530 20.95 -4.48 -5.44
CA LEU A 530 21.48 -4.83 -4.13
C LEU A 530 20.92 -6.16 -3.64
N HIS A 531 19.59 -6.27 -3.66
CA HIS A 531 18.94 -7.43 -3.08
C HIS A 531 19.16 -8.68 -3.91
N CYS A 532 19.41 -8.52 -5.21
CA CYS A 532 19.84 -9.64 -6.04
C CYS A 532 21.15 -10.22 -5.54
N ASP A 533 22.10 -9.36 -5.21
CA ASP A 533 23.39 -9.83 -4.76
C ASP A 533 23.30 -10.42 -3.36
N ILE A 534 22.45 -9.84 -2.50
CA ILE A 534 22.25 -10.40 -1.16
C ILE A 534 21.60 -11.77 -1.23
N GLY A 535 20.63 -11.93 -2.14
CA GLY A 535 19.97 -13.22 -2.27
C GLY A 535 20.89 -14.29 -2.82
N ASN A 536 21.69 -13.93 -3.84
CA ASN A 536 22.68 -14.87 -4.37
C ASN A 536 23.72 -15.23 -3.31
N ALA A 537 24.10 -14.25 -2.49
CA ALA A 537 25.12 -14.47 -1.46
C ALA A 537 24.62 -15.43 -0.39
N ALA A 538 23.41 -15.20 0.12
CA ALA A 538 22.86 -16.09 1.12
C ALA A 538 22.58 -17.47 0.56
N GLU A 539 22.24 -17.55 -0.73
CA GLU A 539 22.03 -18.84 -1.36
C GLU A 539 23.33 -19.65 -1.42
N PHE A 540 24.42 -19.04 -1.90
CA PHE A 540 25.59 -19.90 -1.98
C PHE A 540 26.30 -20.04 -0.64
N TYR A 541 25.98 -19.20 0.35
CA TYR A 541 26.39 -19.48 1.73
C TYR A 541 25.68 -20.71 2.26
N LYS A 542 24.37 -20.83 2.01
CA LYS A 542 23.65 -22.03 2.40
C LYS A 542 24.14 -23.26 1.62
N ILE A 543 24.57 -23.06 0.36
CA ILE A 543 25.04 -24.23 -0.38
C ILE A 543 26.43 -24.63 0.11
N PHE A 544 27.19 -23.69 0.69
CA PHE A 544 28.42 -24.06 1.38
C PHE A 544 28.11 -24.89 2.62
N GLN A 545 27.12 -24.44 3.40
CA GLN A 545 26.69 -25.17 4.59
C GLN A 545 26.21 -26.57 4.26
N LEU A 546 25.52 -26.72 3.13
CA LEU A 546 25.06 -28.03 2.70
C LEU A 546 26.22 -28.89 2.19
N GLU A 547 27.15 -28.30 1.45
CA GLU A 547 28.22 -29.11 0.88
C GLU A 547 29.29 -29.45 1.89
N ILE A 548 29.25 -28.86 3.09
CA ILE A 548 30.02 -29.39 4.21
C ILE A 548 29.57 -30.82 4.50
N GLY A 549 28.26 -31.04 4.53
CA GLY A 549 27.72 -32.36 4.79
C GLY A 549 27.91 -33.37 3.66
N GLU A 550 28.23 -32.89 2.45
CA GLU A 550 28.43 -33.72 1.26
C GLU A 550 27.21 -34.60 0.99
N VAL A 551 26.02 -33.99 1.03
CA VAL A 551 24.78 -34.74 1.11
C VAL A 551 24.35 -35.33 -0.22
N TYR A 552 25.13 -35.11 -1.29
CA TYR A 552 24.96 -35.90 -2.49
C TYR A 552 25.26 -37.37 -2.23
N LYS A 553 26.13 -37.67 -1.27
CA LYS A 553 26.36 -39.05 -0.86
C LYS A 553 25.15 -39.58 -0.09
N HIS A 554 24.81 -38.95 1.03
CA HIS A 554 23.66 -39.40 1.81
C HIS A 554 22.58 -38.31 1.84
N PRO A 555 21.39 -38.59 1.35
CA PRO A 555 20.30 -37.61 1.47
C PRO A 555 19.62 -37.67 2.83
N ASN A 556 18.54 -36.92 2.97
CA ASN A 556 17.62 -36.85 4.12
C ASN A 556 18.34 -36.81 5.46
N ALA A 557 19.29 -35.89 5.55
CA ALA A 557 20.08 -35.72 6.76
C ALA A 557 19.22 -35.17 7.89
N SER A 558 19.73 -35.32 9.10
CA SER A 558 19.01 -34.97 10.31
C SER A 558 18.95 -33.47 10.49
N LYS A 559 17.96 -33.03 11.27
CA LYS A 559 17.91 -31.62 11.65
C LYS A 559 18.61 -31.41 12.98
N GLU A 560 19.78 -31.97 13.12
CA GLU A 560 20.75 -31.59 14.14
C GLU A 560 22.13 -31.39 13.55
N GLU A 561 22.50 -32.20 12.56
CA GLU A 561 23.86 -32.16 12.02
C GLU A 561 24.03 -30.96 11.09
N ARG A 562 22.92 -30.42 10.59
CA ARG A 562 22.97 -29.21 9.79
C ARG A 562 23.40 -28.01 10.62
N LYS A 563 22.96 -27.97 11.89
CA LYS A 563 23.43 -26.93 12.79
C LYS A 563 24.92 -27.07 13.06
N ARG A 564 25.41 -28.31 13.08
CA ARG A 564 26.85 -28.53 13.22
C ARG A 564 27.60 -28.08 11.98
N TRP A 565 27.00 -28.28 10.79
CA TRP A 565 27.62 -27.80 9.56
C TRP A 565 27.69 -26.29 9.53
N GLN A 566 26.64 -25.63 10.02
CA GLN A 566 26.64 -24.17 10.17
C GLN A 566 27.71 -23.71 11.13
N ALA A 567 27.83 -24.42 12.27
CA ALA A 567 28.79 -24.02 13.29
C ALA A 567 30.23 -24.18 12.81
N THR A 568 30.53 -25.29 12.12
CA THR A 568 31.89 -25.48 11.64
C THR A 568 32.19 -24.56 10.47
N LEU A 569 31.16 -24.16 9.71
CA LEU A 569 31.36 -23.18 8.65
C LEU A 569 31.73 -21.82 9.23
N ASP A 570 31.00 -21.41 10.27
CA ASP A 570 31.25 -20.11 10.88
C ASP A 570 32.60 -20.08 11.60
N LYS A 571 32.92 -21.15 12.34
CA LYS A 571 34.19 -21.21 13.03
C LYS A 571 35.36 -21.29 12.05
N HIS A 572 35.19 -22.05 10.96
CA HIS A 572 36.26 -22.19 9.99
C HIS A 572 36.50 -20.90 9.21
N LEU A 573 35.43 -20.20 8.85
CA LEU A 573 35.62 -18.98 8.09
C LEU A 573 36.00 -17.80 8.99
N ARG A 574 35.76 -17.93 10.30
CA ARG A 574 36.36 -17.01 11.23
C ARG A 574 37.84 -17.31 11.42
N LYS A 575 38.23 -18.58 11.28
CA LYS A 575 39.64 -18.95 11.36
C LYS A 575 40.41 -18.49 10.12
N ARG A 576 39.82 -18.66 8.94
CA ARG A 576 40.54 -18.36 7.70
C ARG A 576 40.56 -16.87 7.42
N MET A 577 39.39 -16.27 7.22
CA MET A 577 39.29 -14.90 6.73
C MET A 577 38.67 -13.94 7.74
N ASN A 578 38.40 -14.40 8.97
CA ASN A 578 37.83 -13.60 10.06
C ASN A 578 36.47 -12.99 9.68
N LEU A 579 35.52 -13.82 9.30
CA LEU A 579 34.16 -13.35 9.11
C LEU A 579 33.47 -13.26 10.46
N LYS A 580 32.65 -12.25 10.65
CA LYS A 580 32.00 -12.09 11.93
C LYS A 580 30.74 -12.96 11.99
N PRO A 581 30.55 -13.70 13.09
CA PRO A 581 29.39 -14.60 13.18
C PRO A 581 28.11 -13.80 13.37
N ILE A 582 27.33 -13.71 12.29
CA ILE A 582 26.10 -12.94 12.27
C ILE A 582 25.02 -13.82 11.67
N MET A 583 23.79 -13.30 11.64
CA MET A 583 22.63 -14.06 11.10
C MET A 583 22.12 -13.38 9.83
N ARG A 584 21.70 -12.12 9.92
CA ARG A 584 21.18 -11.41 8.76
C ARG A 584 22.37 -10.91 7.95
N MET A 585 22.38 -11.26 6.67
CA MET A 585 23.46 -10.86 5.79
C MET A 585 23.33 -9.39 5.43
N ASN A 586 24.25 -8.58 5.93
CA ASN A 586 24.31 -7.17 5.58
C ASN A 586 25.11 -7.00 4.29
N GLY A 587 25.33 -5.75 3.92
CA GLY A 587 26.05 -5.47 2.68
C GLY A 587 27.52 -5.80 2.79
N ASN A 588 28.11 -5.55 3.96
CA ASN A 588 29.52 -5.85 4.18
C ASN A 588 29.76 -7.35 4.12
N PHE A 589 28.90 -8.12 4.80
CA PHE A 589 28.97 -9.56 4.76
C PHE A 589 28.74 -10.08 3.34
N ALA A 590 27.84 -9.43 2.60
CA ALA A 590 27.56 -9.84 1.23
C ALA A 590 28.77 -9.62 0.32
N ARG A 591 29.47 -8.52 0.52
CA ARG A 591 30.67 -8.28 -0.27
C ARG A 591 31.79 -9.24 0.15
N LYS A 592 31.86 -9.58 1.43
CA LYS A 592 33.00 -10.36 1.90
C LYS A 592 32.85 -11.85 1.62
N LEU A 593 31.62 -12.36 1.53
CA LEU A 593 31.44 -13.79 1.29
C LEU A 593 31.80 -14.25 -0.11
N MET A 594 31.75 -13.37 -1.10
CA MET A 594 31.89 -13.81 -2.48
C MET A 594 33.31 -13.69 -3.00
N THR A 595 34.28 -14.14 -2.22
CA THR A 595 35.67 -14.13 -2.63
C THR A 595 36.14 -15.54 -2.92
N GLN A 596 37.15 -15.66 -3.78
CA GLN A 596 37.69 -16.96 -4.11
C GLN A 596 38.48 -17.56 -2.95
N GLU A 597 38.99 -16.70 -2.05
CA GLU A 597 39.78 -17.17 -0.92
C GLU A 597 38.93 -17.99 0.03
N THR A 598 37.69 -17.55 0.27
CA THR A 598 36.81 -18.27 1.19
C THR A 598 36.35 -19.59 0.60
N VAL A 599 36.04 -19.61 -0.71
CA VAL A 599 35.58 -20.87 -1.28
C VAL A 599 36.73 -21.84 -1.41
N ASP A 600 37.96 -21.35 -1.58
CA ASP A 600 39.10 -22.27 -1.58
C ASP A 600 39.44 -22.72 -0.16
N ALA A 601 39.11 -21.90 0.84
CA ALA A 601 39.30 -22.31 2.23
C ALA A 601 38.34 -23.43 2.62
N VAL A 602 37.05 -23.26 2.32
CA VAL A 602 36.10 -24.32 2.62
C VAL A 602 36.28 -25.50 1.67
N CYS A 603 36.85 -25.25 0.49
CA CYS A 603 37.33 -26.32 -0.36
C CYS A 603 38.42 -27.14 0.30
N GLU A 604 39.33 -26.48 1.02
CA GLU A 604 40.26 -27.20 1.87
C GLU A 604 39.56 -27.89 3.04
N LEU A 605 38.39 -27.42 3.45
CA LEU A 605 37.67 -28.14 4.50
C LEU A 605 36.94 -29.37 3.94
N ILE A 606 36.41 -29.30 2.73
CA ILE A 606 35.54 -30.39 2.28
C ILE A 606 36.39 -31.55 1.77
N PRO A 607 35.96 -32.80 1.97
CA PRO A 607 36.81 -33.94 1.60
C PRO A 607 37.03 -34.19 0.12
N SER A 608 35.94 -34.35 -0.62
CA SER A 608 36.02 -35.04 -1.91
C SER A 608 36.51 -34.10 -3.00
N GLU A 609 37.06 -34.69 -4.06
CA GLU A 609 37.83 -33.96 -5.05
C GLU A 609 36.97 -33.27 -6.10
N GLU A 610 35.86 -33.87 -6.53
CA GLU A 610 35.06 -33.24 -7.58
C GLU A 610 34.33 -32.01 -7.08
N ARG A 611 34.12 -31.92 -5.76
CA ARG A 611 33.52 -30.72 -5.18
C ARG A 611 34.46 -29.53 -5.27
N HIS A 612 35.78 -29.78 -5.34
CA HIS A 612 36.75 -28.71 -5.48
C HIS A 612 36.59 -27.98 -6.81
N GLU A 613 36.60 -28.74 -7.92
CA GLU A 613 36.35 -28.15 -9.24
C GLU A 613 34.94 -27.58 -9.32
N ALA A 614 33.96 -28.31 -8.76
CA ALA A 614 32.56 -27.91 -8.81
C ALA A 614 32.29 -26.61 -8.08
N LEU A 615 33.08 -26.26 -7.07
CA LEU A 615 32.89 -24.97 -6.40
C LEU A 615 33.79 -23.87 -6.95
N ARG A 616 35.04 -24.20 -7.32
CA ARG A 616 35.93 -23.16 -7.84
C ARG A 616 35.46 -22.65 -9.20
N GLU A 617 35.07 -23.56 -10.09
CA GLU A 617 34.60 -23.17 -11.41
C GLU A 617 33.31 -22.38 -11.32
N LEU A 618 32.44 -22.76 -10.40
CA LEU A 618 31.20 -22.01 -10.18
C LEU A 618 31.48 -20.62 -9.64
N MET A 619 32.45 -20.51 -8.72
CA MET A 619 32.76 -19.20 -8.15
C MET A 619 33.34 -18.26 -9.20
N ASP A 620 34.22 -18.76 -10.07
CA ASP A 620 34.76 -17.86 -11.08
C ASP A 620 33.74 -17.56 -12.16
N LEU A 621 32.81 -18.48 -12.45
CA LEU A 621 31.74 -18.17 -13.38
C LEU A 621 30.82 -17.09 -12.81
N TYR A 622 30.51 -17.19 -11.52
CA TYR A 622 29.63 -16.20 -10.90
C TYR A 622 30.28 -14.83 -10.81
N LEU A 623 31.57 -14.79 -10.48
CA LEU A 623 32.25 -13.51 -10.44
C LEU A 623 32.50 -12.96 -11.84
N LYS A 624 32.57 -13.83 -12.83
CA LYS A 624 32.56 -13.40 -14.22
C LYS A 624 31.23 -12.79 -14.61
N MET A 625 30.13 -13.26 -14.01
CA MET A 625 28.83 -12.68 -14.31
C MET A 625 28.57 -11.39 -13.53
N LYS A 626 29.14 -11.25 -12.33
CA LYS A 626 28.70 -10.25 -11.36
C LYS A 626 28.77 -8.79 -11.80
N PRO A 627 29.90 -8.24 -12.28
CA PRO A 627 29.97 -6.77 -12.39
C PRO A 627 29.15 -6.20 -13.51
N VAL A 628 28.70 -7.03 -14.45
CA VAL A 628 27.93 -6.50 -15.57
C VAL A 628 26.53 -6.13 -15.13
N TRP A 629 26.09 -6.62 -13.98
CA TRP A 629 24.94 -6.01 -13.33
C TRP A 629 25.33 -5.12 -12.18
N ARG A 630 26.49 -5.37 -11.58
CA ARG A 630 26.87 -4.57 -10.41
C ARG A 630 27.23 -3.15 -10.79
N SER A 631 27.76 -2.94 -12.00
CA SER A 631 28.24 -1.63 -12.41
C SER A 631 27.08 -0.67 -12.64
N SER A 632 27.39 0.63 -12.53
CA SER A 632 26.43 1.67 -12.85
C SER A 632 26.40 2.01 -14.32
N CYS A 633 27.47 1.76 -15.05
CA CYS A 633 27.41 1.88 -16.50
C CYS A 633 28.20 0.73 -17.11
N PRO A 634 27.66 -0.47 -17.09
CA PRO A 634 28.43 -1.63 -17.55
C PRO A 634 28.46 -1.76 -19.07
N ALA A 635 27.75 -0.88 -19.76
CA ALA A 635 27.76 -0.92 -21.22
C ALA A 635 29.10 -0.47 -21.78
N LYS A 636 29.88 0.27 -20.99
CA LYS A 636 31.20 0.71 -21.42
C LYS A 636 32.31 0.27 -20.49
N GLU A 637 32.02 -0.09 -19.25
CA GLU A 637 33.10 -0.28 -18.28
C GLU A 637 33.67 -1.70 -18.36
N CYS A 638 32.82 -2.70 -18.53
CA CYS A 638 33.24 -4.05 -18.88
C CYS A 638 32.38 -4.50 -20.06
N PRO A 639 32.65 -3.99 -21.25
CA PRO A 639 31.76 -4.21 -22.38
C PRO A 639 32.06 -5.43 -23.23
N GLU A 640 32.89 -6.35 -22.76
CA GLU A 640 33.19 -7.56 -23.51
C GLU A 640 32.59 -8.80 -22.88
N SER A 641 32.74 -8.95 -21.57
CA SER A 641 32.01 -10.00 -20.87
C SER A 641 30.51 -9.75 -20.88
N LEU A 642 30.12 -8.49 -21.07
CA LEU A 642 28.73 -8.15 -21.35
C LEU A 642 28.23 -8.87 -22.60
N CYS A 643 29.08 -8.98 -23.62
CA CYS A 643 28.70 -9.75 -24.80
C CYS A 643 28.89 -11.24 -24.59
N GLN A 644 29.81 -11.63 -23.70
CA GLN A 644 30.04 -13.06 -23.45
C GLN A 644 29.08 -13.65 -22.43
N TYR A 645 28.18 -12.81 -21.89
CA TYR A 645 27.29 -13.18 -20.80
C TYR A 645 26.37 -14.35 -21.11
N SER A 646 26.01 -14.56 -22.37
CA SER A 646 25.09 -15.64 -22.72
C SER A 646 25.72 -17.01 -22.49
N PHE A 647 26.90 -17.22 -23.06
CA PHE A 647 27.68 -18.43 -22.78
C PHE A 647 28.06 -18.50 -21.32
N ASN A 648 28.46 -17.34 -20.75
CA ASN A 648 28.85 -17.25 -19.34
C ASN A 648 27.73 -17.66 -18.40
N SER A 649 26.48 -17.48 -18.82
CA SER A 649 25.32 -17.87 -18.04
C SER A 649 24.87 -19.29 -18.29
N GLN A 650 24.89 -19.73 -19.54
CA GLN A 650 24.38 -21.06 -19.82
C GLN A 650 25.36 -22.14 -19.38
N ARG A 651 26.64 -21.80 -19.21
CA ARG A 651 27.57 -22.77 -18.62
C ARG A 651 27.25 -22.99 -17.15
N PHE A 652 26.99 -21.89 -16.43
CA PHE A 652 26.51 -21.94 -15.06
C PHE A 652 25.22 -22.74 -14.95
N ALA A 653 24.33 -22.55 -15.92
CA ALA A 653 23.05 -23.25 -15.93
C ALA A 653 23.24 -24.75 -16.14
N GLU A 654 24.09 -25.13 -17.09
CA GLU A 654 24.29 -26.54 -17.39
C GLU A 654 25.03 -27.24 -16.26
N LEU A 655 25.94 -26.54 -15.60
CA LEU A 655 26.66 -27.20 -14.51
C LEU A 655 25.84 -27.21 -13.24
N LEU A 656 24.83 -26.35 -13.12
CA LEU A 656 23.84 -26.56 -12.08
C LEU A 656 22.95 -27.76 -12.40
N SER A 657 22.48 -27.86 -13.64
CA SER A 657 21.53 -28.91 -13.98
C SER A 657 22.18 -30.28 -14.12
N THR A 658 23.51 -30.35 -14.17
CA THR A 658 24.18 -31.63 -14.31
C THR A 658 24.93 -32.03 -13.05
N LYS A 659 25.88 -31.21 -12.60
CA LYS A 659 26.69 -31.56 -11.45
C LYS A 659 26.05 -31.17 -10.13
N PHE A 660 24.94 -30.44 -10.17
CA PHE A 660 24.23 -30.06 -8.96
C PHE A 660 22.77 -30.45 -9.01
N LYS A 661 22.41 -31.45 -9.81
CA LYS A 661 21.02 -31.82 -10.06
C LYS A 661 20.36 -32.49 -8.86
N TYR A 662 21.11 -32.77 -7.80
CA TYR A 662 20.54 -33.23 -6.54
C TYR A 662 19.57 -32.22 -5.94
N ARG A 663 19.81 -30.94 -6.12
CA ARG A 663 18.94 -29.89 -5.60
C ARG A 663 18.17 -29.17 -6.68
N TYR A 664 18.84 -28.82 -7.78
CA TYR A 664 18.20 -28.03 -8.84
C TYR A 664 17.76 -28.92 -9.99
N GLU A 665 16.81 -29.80 -9.67
CA GLU A 665 16.02 -30.51 -10.65
C GLU A 665 14.54 -30.20 -10.52
N GLY A 666 14.14 -29.74 -9.33
CA GLY A 666 12.77 -29.39 -9.03
C GLY A 666 12.65 -27.91 -8.78
N LYS A 667 12.67 -27.53 -7.52
CA LYS A 667 12.57 -26.12 -7.18
C LYS A 667 13.88 -25.38 -7.45
N ILE A 668 13.76 -24.10 -7.77
CA ILE A 668 14.86 -23.15 -7.76
C ILE A 668 14.35 -21.89 -7.07
N THR A 669 15.26 -20.99 -6.71
CA THR A 669 14.83 -19.78 -6.03
C THR A 669 14.57 -18.66 -7.04
N ASN A 670 14.24 -17.49 -6.52
CA ASN A 670 13.69 -16.43 -7.36
C ASN A 670 14.79 -15.67 -8.08
N TYR A 671 15.76 -15.15 -7.34
CA TYR A 671 16.69 -14.17 -7.90
C TYR A 671 17.63 -14.79 -8.93
N PHE A 672 17.99 -16.07 -8.74
CA PHE A 672 18.73 -16.79 -9.76
C PHE A 672 17.99 -16.90 -11.08
N HIS A 673 16.67 -16.98 -11.07
CA HIS A 673 15.95 -16.94 -12.33
C HIS A 673 16.07 -15.57 -12.99
N LYS A 674 16.11 -14.52 -12.18
CA LYS A 674 16.24 -13.16 -12.71
C LYS A 674 17.62 -12.92 -13.29
N THR A 675 18.65 -13.50 -12.66
CA THR A 675 20.01 -13.34 -13.14
C THR A 675 20.19 -13.96 -14.51
N LEU A 676 19.70 -15.18 -14.68
CA LEU A 676 19.89 -15.85 -15.95
C LEU A 676 18.96 -15.31 -17.01
N ALA A 677 17.67 -15.26 -16.72
CA ALA A 677 16.67 -15.10 -17.77
C ALA A 677 16.57 -13.70 -18.35
N HIS A 678 16.88 -12.66 -17.58
CA HIS A 678 16.41 -11.34 -17.95
C HIS A 678 17.49 -10.31 -18.25
N VAL A 679 18.59 -10.29 -17.49
CA VAL A 679 19.48 -9.12 -17.51
C VAL A 679 20.18 -8.84 -18.84
N PRO A 680 20.44 -9.81 -19.75
CA PRO A 680 20.83 -9.40 -21.11
C PRO A 680 19.73 -8.72 -21.90
N GLU A 681 18.48 -8.83 -21.49
CA GLU A 681 17.44 -8.04 -22.11
C GLU A 681 17.22 -6.72 -21.37
N ILE A 682 17.50 -6.69 -20.07
CA ILE A 682 17.35 -5.44 -19.33
C ILE A 682 18.42 -4.44 -19.74
N ILE A 683 19.60 -4.93 -20.12
CA ILE A 683 20.62 -4.02 -20.61
C ILE A 683 20.28 -3.54 -22.02
N GLU A 684 19.50 -4.32 -22.76
CA GLU A 684 19.10 -3.87 -24.08
C GLU A 684 17.97 -2.86 -24.00
N ARG A 685 17.09 -3.03 -23.02
CA ARG A 685 16.00 -2.07 -22.85
C ARG A 685 16.50 -0.80 -22.19
N ASP A 686 16.93 -0.91 -20.94
CA ASP A 686 17.23 0.25 -20.12
C ASP A 686 18.69 0.63 -20.16
N GLY A 687 19.57 -0.33 -20.44
CA GLY A 687 20.98 -0.01 -20.40
C GLY A 687 21.58 -0.38 -19.07
N SER A 688 21.68 0.60 -18.19
CA SER A 688 22.30 0.41 -16.90
C SER A 688 21.47 -0.50 -16.00
N ILE A 689 22.13 -0.98 -14.95
CA ILE A 689 21.47 -1.80 -13.92
C ILE A 689 21.58 -1.19 -12.54
N GLY A 690 22.79 -1.00 -12.03
CA GLY A 690 23.00 -0.59 -10.65
C GLY A 690 22.59 0.83 -10.38
N ALA A 691 22.52 1.66 -11.41
CA ALA A 691 21.95 2.99 -11.23
C ALA A 691 20.46 2.90 -10.92
N TRP A 692 19.79 1.90 -11.47
CA TRP A 692 18.38 1.69 -11.20
C TRP A 692 18.22 0.73 -10.03
N ALA A 693 18.71 1.17 -8.88
CA ALA A 693 18.61 0.41 -7.64
C ALA A 693 18.18 1.33 -6.52
N SER A 694 17.90 0.73 -5.37
CA SER A 694 17.42 1.47 -4.22
C SER A 694 18.48 1.64 -3.14
N GLU A 695 19.76 1.55 -3.52
CA GLU A 695 20.84 1.54 -2.54
C GLU A 695 20.92 2.85 -1.78
N GLY A 696 20.63 3.95 -2.46
CA GLY A 696 20.53 5.23 -1.79
C GLY A 696 19.37 5.26 -0.83
N ASN A 697 18.21 4.77 -1.29
CA ASN A 697 17.03 4.77 -0.45
C ASN A 697 17.19 3.82 0.72
N GLU A 698 17.90 2.71 0.48
CA GLU A 698 18.17 1.69 1.53
C GLU A 698 19.21 2.22 2.52
N SER A 699 20.09 3.11 2.05
CA SER A 699 21.12 3.67 2.92
C SER A 699 20.61 4.86 3.71
N GLY A 700 19.53 5.48 3.25
CA GLY A 700 19.06 6.71 3.87
C GLY A 700 18.47 6.55 5.25
N ASN A 701 18.26 5.31 5.70
CA ASN A 701 17.41 5.07 6.87
C ASN A 701 18.08 5.50 8.16
N LYS A 702 19.41 5.47 8.20
CA LYS A 702 20.12 5.86 9.41
C LYS A 702 19.97 7.34 9.67
N LEU A 703 19.86 8.11 8.58
CA LEU A 703 19.67 9.54 8.68
C LEU A 703 18.34 9.85 9.33
N PHE A 704 17.33 9.01 9.06
CA PHE A 704 16.03 9.17 9.69
C PHE A 704 16.13 9.02 11.20
N ARG A 705 16.87 8.01 11.64
CA ARG A 705 17.00 7.77 13.08
C ARG A 705 17.76 8.89 13.74
N ARG A 706 18.86 9.33 13.11
CA ARG A 706 19.69 10.37 13.68
C ARG A 706 18.95 11.70 13.76
N PHE A 707 18.20 12.02 12.70
CA PHE A 707 17.36 13.20 12.70
C PHE A 707 16.24 13.07 13.72
N ARG A 708 15.78 11.85 13.95
CA ARG A 708 14.66 11.65 14.83
C ARG A 708 15.03 11.80 16.29
N LYS A 709 16.26 11.42 16.66
CA LYS A 709 16.65 11.55 18.07
C LYS A 709 17.57 12.74 18.28
N MET A 710 17.84 13.52 17.24
CA MET A 710 18.61 14.73 17.43
C MET A 710 17.88 16.01 17.03
N ASN A 711 16.77 15.92 16.28
CA ASN A 711 16.02 17.10 15.88
C ASN A 711 14.53 16.76 15.91
N ALA A 712 13.87 17.13 17.00
CA ALA A 712 12.44 16.91 17.12
C ALA A 712 11.89 17.88 18.14
N ARG A 713 10.58 18.10 18.09
CA ARG A 713 9.92 18.96 19.05
C ARG A 713 8.98 18.18 19.96
N GLN A 714 8.95 16.85 19.83
CA GLN A 714 8.20 15.94 20.70
C GLN A 714 6.70 16.25 20.71
N SER A 715 6.09 16.09 19.55
CA SER A 715 4.64 16.20 19.47
C SER A 715 4.02 15.13 18.60
N LYS A 716 4.83 14.27 17.97
CA LYS A 716 4.44 13.22 17.03
C LYS A 716 3.74 13.74 15.78
N CYS A 717 3.65 15.05 15.61
CA CYS A 717 3.17 15.67 14.39
C CYS A 717 4.16 16.63 13.78
N TYR A 718 4.78 17.50 14.57
CA TYR A 718 5.92 18.25 14.09
C TYR A 718 7.18 17.40 14.02
N GLU A 719 7.20 16.30 14.78
CA GLU A 719 8.30 15.35 14.70
C GLU A 719 8.45 14.76 13.33
N MET A 720 7.38 14.58 12.58
CA MET A 720 7.51 14.16 11.20
C MET A 720 7.54 15.32 10.24
N GLU A 721 7.48 16.56 10.73
CA GLU A 721 7.76 17.70 9.87
C GLU A 721 9.25 17.89 9.75
N ASP A 722 9.93 17.96 10.89
CA ASP A 722 11.27 18.51 10.92
C ASP A 722 12.28 17.50 10.39
N VAL A 723 11.98 16.21 10.50
CA VAL A 723 12.85 15.22 9.89
C VAL A 723 12.77 15.32 8.38
N LEU A 724 11.61 15.69 7.86
CA LEU A 724 11.48 15.87 6.42
C LEU A 724 12.21 17.12 5.97
N LYS A 725 12.08 18.20 6.74
CA LYS A 725 12.74 19.45 6.38
C LYS A 725 14.25 19.30 6.40
N HIS A 726 14.78 18.63 7.43
CA HIS A 726 16.22 18.42 7.51
C HIS A 726 16.70 17.46 6.45
N HIS A 727 15.92 16.44 6.12
CA HIS A 727 16.35 15.50 5.09
C HIS A 727 16.29 16.16 3.73
N TRP A 728 15.40 17.12 3.55
CA TRP A 728 15.41 17.88 2.31
C TRP A 728 16.64 18.78 2.25
N LEU A 729 16.97 19.44 3.36
CA LEU A 729 18.11 20.34 3.38
C LEU A 729 19.42 19.58 3.26
N TYR A 730 19.42 18.31 3.62
CA TYR A 730 20.59 17.47 3.46
C TYR A 730 20.92 17.30 1.99
N THR A 731 19.99 16.75 1.24
CA THR A 731 20.36 16.17 -0.03
C THR A 731 20.38 17.17 -1.17
N SER A 732 20.33 18.48 -0.90
CA SER A 732 20.45 19.44 -1.97
C SER A 732 21.86 19.42 -2.55
N LYS A 733 21.95 19.66 -3.84
CA LYS A 733 23.28 19.78 -4.42
C LYS A 733 23.83 21.17 -4.32
N TYR A 734 23.02 22.13 -3.89
CA TYR A 734 23.54 23.45 -3.62
C TYR A 734 24.38 23.48 -2.37
N LEU A 735 24.15 22.57 -1.43
CA LEU A 735 24.95 22.55 -0.22
C LEU A 735 26.06 21.53 -0.29
N GLN A 736 25.86 20.43 -1.03
CA GLN A 736 26.91 19.47 -1.23
C GLN A 736 28.05 20.03 -2.07
N LYS A 737 27.78 21.05 -2.86
CA LYS A 737 28.84 21.77 -3.56
C LYS A 737 29.77 22.49 -2.60
N PHE A 738 29.28 22.88 -1.41
CA PHE A 738 30.16 23.49 -0.44
C PHE A 738 31.05 22.48 0.26
N MET A 739 30.58 21.24 0.41
CA MET A 739 31.38 20.26 1.11
C MET A 739 32.39 19.57 0.23
N ASN A 740 32.59 20.03 -1.00
CA ASN A 740 33.73 19.63 -1.81
C ASN A 740 34.67 20.80 -2.03
N ALA A 741 34.51 21.87 -1.26
CA ALA A 741 35.39 23.04 -1.40
C ALA A 741 36.80 22.71 -0.93
N HIS A 742 36.94 21.76 -0.01
CA HIS A 742 38.28 21.30 0.32
C HIS A 742 38.81 20.31 -0.69
N ASN A 743 37.97 19.87 -1.62
CA ASN A 743 38.47 19.00 -2.68
C ASN A 743 38.65 19.76 -3.99
N ALA A 744 37.84 20.79 -4.19
CA ALA A 744 37.94 21.58 -5.40
C ALA A 744 39.11 22.54 -5.34
N MET B 1 -29.52 -9.49 27.44
CA MET B 1 -28.49 -9.01 28.33
C MET B 1 -27.50 -10.11 28.67
N SER B 2 -26.87 -10.67 27.65
CA SER B 2 -25.99 -11.83 27.79
C SER B 2 -24.67 -11.56 27.07
N LEU B 3 -23.69 -11.03 27.78
CA LEU B 3 -22.37 -10.85 27.20
C LEU B 3 -21.55 -12.12 27.35
N GLN B 4 -20.68 -12.36 26.38
CA GLN B 4 -19.81 -13.54 26.43
C GLN B 4 -18.51 -13.25 25.69
N MET B 5 -17.39 -13.59 26.33
CA MET B 5 -16.11 -13.37 25.68
C MET B 5 -15.76 -14.54 24.78
N VAL B 6 -15.12 -14.22 23.66
CA VAL B 6 -14.85 -15.18 22.60
C VAL B 6 -13.34 -15.31 22.46
N THR B 7 -12.87 -16.50 22.10
CA THR B 7 -11.50 -16.67 21.67
C THR B 7 -11.46 -16.88 20.16
N VAL B 8 -10.26 -16.81 19.60
CA VAL B 8 -10.07 -16.67 18.17
C VAL B 8 -9.34 -17.90 17.65
N GLY B 9 -9.43 -18.12 16.34
CA GLY B 9 -8.64 -19.15 15.68
C GLY B 9 -7.21 -18.72 15.43
N HIS B 10 -6.58 -19.29 14.41
CA HIS B 10 -5.17 -19.00 14.18
C HIS B 10 -4.98 -17.66 13.47
N ASN B 11 -5.95 -17.27 12.63
CA ASN B 11 -5.81 -16.05 11.86
C ASN B 11 -6.85 -15.03 12.33
N ILE B 12 -6.45 -14.26 13.35
CA ILE B 12 -7.19 -13.08 13.75
C ILE B 12 -7.00 -11.96 12.74
N ALA B 13 -5.96 -12.03 11.91
CA ALA B 13 -5.55 -10.94 11.05
C ALA B 13 -6.52 -10.66 9.91
N LEU B 14 -7.48 -11.54 9.65
CA LEU B 14 -8.48 -11.30 8.62
C LEU B 14 -9.66 -10.51 9.13
N ILE B 15 -9.56 -9.95 10.33
CA ILE B 15 -10.59 -9.08 10.87
C ILE B 15 -10.20 -7.66 10.50
N GLN B 16 -11.17 -6.78 10.46
CA GLN B 16 -11.04 -5.34 10.24
C GLN B 16 -12.38 -4.70 10.58
N PRO B 17 -12.38 -3.44 11.01
CA PRO B 17 -13.65 -2.78 11.30
C PRO B 17 -14.44 -2.52 10.03
N GLY B 18 -15.74 -2.78 10.11
CA GLY B 18 -16.62 -2.57 8.98
C GLY B 18 -16.72 -3.77 8.08
N PHE B 19 -16.83 -4.95 8.65
CA PHE B 19 -16.89 -6.16 7.84
C PHE B 19 -18.34 -6.42 7.43
N SER B 20 -18.59 -7.61 6.91
CA SER B 20 -19.94 -8.00 6.55
C SER B 20 -20.18 -9.44 6.96
N LEU B 21 -21.30 -9.67 7.64
CA LEU B 21 -21.68 -11.00 8.13
C LEU B 21 -22.96 -11.43 7.44
N MET B 22 -22.88 -12.51 6.68
CA MET B 22 -23.99 -13.02 5.89
C MET B 22 -24.56 -14.27 6.52
N ASN B 23 -25.86 -14.29 6.75
CA ASN B 23 -26.52 -15.44 7.37
C ASN B 23 -27.26 -16.22 6.29
N PHE B 24 -26.72 -17.37 5.91
CA PHE B 24 -27.38 -18.28 4.99
C PHE B 24 -27.66 -19.60 5.69
N ASP B 25 -28.95 -19.89 5.87
CA ASP B 25 -29.46 -21.21 6.25
C ASP B 25 -29.01 -21.61 7.64
N GLY B 26 -28.89 -20.61 8.50
CA GLY B 26 -28.32 -20.80 9.84
C GLY B 26 -26.82 -20.66 9.86
N GLN B 27 -26.15 -21.07 8.79
CA GLN B 27 -24.72 -20.88 8.64
C GLN B 27 -24.39 -19.39 8.54
N VAL B 28 -23.20 -19.05 9.01
CA VAL B 28 -22.75 -17.67 9.04
C VAL B 28 -21.49 -17.59 8.17
N PHE B 29 -21.39 -16.52 7.39
CA PHE B 29 -20.28 -16.33 6.48
C PHE B 29 -19.72 -14.94 6.64
N PHE B 30 -18.41 -14.83 6.47
CA PHE B 30 -17.67 -13.62 6.72
C PHE B 30 -17.13 -13.08 5.41
N PHE B 31 -17.33 -11.80 5.17
CA PHE B 31 -16.88 -11.20 3.92
C PHE B 31 -16.38 -9.79 4.20
N GLY B 32 -15.31 -9.41 3.51
CA GLY B 32 -14.66 -8.16 3.82
C GLY B 32 -13.43 -8.34 4.70
N GLN B 33 -12.51 -9.19 4.26
CA GLN B 33 -11.27 -9.41 4.97
C GLN B 33 -10.38 -8.18 4.89
N LYS B 34 -9.34 -8.14 5.72
CA LYS B 34 -8.33 -7.09 5.64
C LYS B 34 -7.37 -7.43 4.53
N GLY B 35 -7.05 -6.44 3.71
CA GLY B 35 -6.14 -6.66 2.61
C GLY B 35 -6.78 -7.44 1.47
N TRP B 36 -6.01 -7.64 0.41
CA TRP B 36 -6.50 -8.41 -0.72
C TRP B 36 -6.55 -9.88 -0.35
N PRO B 37 -7.31 -10.69 -1.09
CA PRO B 37 -7.45 -12.12 -0.73
C PRO B 37 -6.14 -12.89 -0.81
N LYS B 38 -5.83 -13.60 0.28
CA LYS B 38 -4.64 -14.42 0.36
C LYS B 38 -4.77 -15.67 -0.49
N ARG B 39 -3.70 -16.48 -0.49
CA ARG B 39 -3.66 -17.68 -1.31
C ARG B 39 -4.28 -18.88 -0.62
N SER B 40 -4.38 -18.86 0.71
CA SER B 40 -4.98 -19.99 1.41
C SER B 40 -6.51 -19.95 1.35
N CYS B 41 -7.08 -18.78 1.06
CA CYS B 41 -8.53 -18.61 1.08
C CYS B 41 -8.95 -17.64 -0.03
N PRO B 42 -8.95 -18.10 -1.29
CA PRO B 42 -8.85 -17.19 -2.43
C PRO B 42 -10.08 -16.35 -2.67
N THR B 43 -11.26 -16.79 -2.25
CA THR B 43 -12.43 -15.96 -2.42
C THR B 43 -12.50 -14.84 -1.40
N GLY B 44 -11.84 -14.99 -0.27
CA GLY B 44 -11.95 -13.98 0.76
C GLY B 44 -13.29 -13.94 1.43
N VAL B 45 -14.05 -15.02 1.35
CA VAL B 45 -15.31 -15.16 2.08
C VAL B 45 -15.30 -16.51 2.77
N PHE B 46 -15.79 -16.55 3.99
CA PHE B 46 -15.48 -17.64 4.91
C PHE B 46 -16.72 -18.25 5.52
N HIS B 47 -16.71 -19.57 5.62
CA HIS B 47 -17.60 -20.23 6.55
C HIS B 47 -17.14 -19.90 7.96
N PHE B 48 -17.89 -19.02 8.62
CA PHE B 48 -17.55 -18.49 9.93
C PHE B 48 -18.47 -19.18 10.92
N ASP B 49 -17.97 -20.21 11.59
CA ASP B 49 -18.71 -20.89 12.63
C ASP B 49 -17.95 -20.84 13.95
N ILE B 50 -18.71 -20.91 15.04
CA ILE B 50 -18.19 -20.75 16.39
C ILE B 50 -18.71 -21.88 17.26
N LYS B 51 -17.80 -22.67 17.81
CA LYS B 51 -18.13 -23.74 18.75
C LYS B 51 -17.45 -23.41 20.08
N GLN B 52 -18.26 -23.29 21.13
CA GLN B 52 -17.81 -23.12 22.52
C GLN B 52 -16.90 -21.92 22.67
N ASN B 53 -17.35 -20.78 22.14
CA ASN B 53 -16.62 -19.50 22.08
C ASN B 53 -15.31 -19.58 21.31
N HIS B 54 -15.10 -20.60 20.49
CA HIS B 54 -13.91 -20.68 19.65
C HIS B 54 -14.34 -20.82 18.20
N LEU B 55 -13.86 -19.93 17.36
CA LEU B 55 -14.34 -19.81 15.99
C LEU B 55 -13.29 -20.30 14.99
N LYS B 56 -13.77 -20.87 13.89
CA LYS B 56 -12.91 -21.45 12.87
C LYS B 56 -13.29 -20.83 11.53
N LEU B 57 -12.52 -19.84 11.10
CA LEU B 57 -12.79 -19.18 9.83
C LEU B 57 -12.36 -20.10 8.71
N LYS B 58 -13.22 -20.95 8.32
CA LYS B 58 -12.78 -21.81 7.24
C LYS B 58 -13.06 -21.13 5.91
N PRO B 59 -12.26 -21.39 4.89
CA PRO B 59 -12.51 -20.77 3.59
C PRO B 59 -13.76 -21.34 2.94
N ALA B 60 -14.39 -20.51 2.13
CA ALA B 60 -15.50 -20.92 1.29
C ALA B 60 -15.13 -20.74 -0.17
N ILE B 61 -15.65 -21.63 -1.01
CA ILE B 61 -15.30 -21.61 -2.42
C ILE B 61 -16.48 -21.11 -3.22
N PHE B 62 -16.26 -20.90 -4.50
CA PHE B 62 -17.27 -20.36 -5.39
C PHE B 62 -17.68 -21.41 -6.42
N SER B 63 -18.67 -21.03 -7.23
CA SER B 63 -19.24 -21.93 -8.20
C SER B 63 -18.35 -21.99 -9.43
N LYS B 64 -18.86 -22.61 -10.49
CA LYS B 64 -18.23 -22.51 -11.78
C LYS B 64 -18.38 -21.13 -12.39
N ASP B 65 -19.50 -20.46 -12.14
CA ASP B 65 -19.88 -19.30 -12.93
C ASP B 65 -19.74 -17.96 -12.22
N SER B 66 -19.29 -17.94 -10.97
CA SER B 66 -19.32 -16.72 -10.18
C SER B 66 -18.24 -15.75 -10.64
N CYS B 67 -18.32 -14.53 -10.15
CA CYS B 67 -17.35 -13.48 -10.46
C CYS B 67 -16.72 -13.03 -9.15
N TYR B 68 -15.44 -13.32 -8.98
CA TYR B 68 -14.73 -13.11 -7.73
C TYR B 68 -14.66 -11.63 -7.40
N LEU B 69 -15.01 -11.30 -6.20
CA LEU B 69 -15.28 -9.91 -5.92
C LEU B 69 -14.36 -9.38 -4.83
N PRO B 70 -14.00 -8.10 -4.89
CA PRO B 70 -13.04 -7.56 -3.94
C PRO B 70 -13.68 -7.34 -2.58
N PRO B 71 -12.92 -7.47 -1.51
CA PRO B 71 -13.46 -7.32 -0.17
C PRO B 71 -13.78 -5.87 0.15
N LEU B 72 -15.07 -5.55 0.15
CA LEU B 72 -15.48 -4.18 0.42
C LEU B 72 -15.45 -3.91 1.92
N ARG B 73 -15.25 -2.66 2.27
CA ARG B 73 -14.97 -2.33 3.66
C ARG B 73 -16.05 -1.53 4.37
N TYR B 74 -17.08 -1.09 3.66
CA TYR B 74 -18.31 -0.59 4.25
C TYR B 74 -19.44 -0.67 3.26
N PRO B 75 -19.88 -1.86 2.86
CA PRO B 75 -20.86 -1.96 1.79
C PRO B 75 -22.26 -1.84 2.35
N ALA B 76 -23.23 -1.96 1.45
CA ALA B 76 -24.63 -2.02 1.82
C ALA B 76 -25.17 -3.38 1.42
N THR B 77 -25.74 -4.08 2.40
CA THR B 77 -26.24 -5.42 2.20
C THR B 77 -27.73 -5.47 2.49
N CYS B 78 -28.45 -6.33 1.77
CA CYS B 78 -29.84 -6.56 2.10
C CYS B 78 -30.23 -7.98 1.75
N SER B 79 -31.38 -8.39 2.27
CA SER B 79 -31.81 -9.78 2.28
C SER B 79 -32.93 -9.98 1.26
N TYR B 80 -32.56 -10.42 0.07
CA TYR B 80 -33.56 -10.79 -0.92
C TYR B 80 -33.96 -12.23 -0.64
N LYS B 81 -34.96 -12.41 0.21
CA LYS B 81 -35.47 -13.75 0.53
C LYS B 81 -36.65 -14.09 -0.37
N GLY B 82 -36.42 -14.06 -1.68
CA GLY B 82 -37.47 -14.34 -2.64
C GLY B 82 -36.90 -14.99 -3.89
N LYS B 88 -35.22 -17.77 -4.57
CA LYS B 88 -34.53 -18.39 -3.45
C LYS B 88 -34.04 -17.35 -2.46
N HIS B 89 -33.33 -17.81 -1.43
CA HIS B 89 -32.74 -16.89 -0.47
C HIS B 89 -31.40 -16.40 -0.99
N GLN B 90 -31.20 -15.08 -0.95
CA GLN B 90 -29.95 -14.49 -1.41
C GLN B 90 -29.77 -13.12 -0.76
N TYR B 91 -28.59 -12.55 -0.96
CA TYR B 91 -28.22 -11.24 -0.48
C TYR B 91 -27.79 -10.33 -1.61
N ILE B 92 -27.88 -9.04 -1.37
CA ILE B 92 -27.51 -8.03 -2.35
C ILE B 92 -26.47 -7.13 -1.71
N ILE B 93 -25.32 -7.01 -2.37
CA ILE B 93 -24.21 -6.19 -1.92
C ILE B 93 -24.03 -5.05 -2.91
N HIS B 94 -23.89 -3.83 -2.40
CA HIS B 94 -23.68 -2.69 -3.27
C HIS B 94 -22.90 -1.60 -2.56
N GLY B 95 -21.91 -1.05 -3.26
CA GLY B 95 -21.16 0.08 -2.78
C GLY B 95 -19.87 -0.28 -2.08
N GLY B 96 -19.62 0.34 -0.94
CA GLY B 96 -18.45 0.01 -0.16
C GLY B 96 -17.17 0.65 -0.68
N LYS B 97 -16.08 0.29 -0.03
CA LYS B 97 -14.78 0.90 -0.25
C LYS B 97 -13.75 -0.22 -0.41
N THR B 98 -13.18 -0.32 -1.60
CA THR B 98 -12.27 -1.39 -1.95
C THR B 98 -10.95 -1.23 -1.18
N PRO B 99 -10.06 -2.24 -1.19
CA PRO B 99 -8.75 -2.04 -0.55
C PRO B 99 -7.90 -0.89 -1.09
N ASN B 100 -8.09 -0.51 -2.34
CA ASN B 100 -7.38 0.65 -2.85
C ASN B 100 -8.11 1.95 -2.63
N ASN B 101 -9.10 1.95 -1.76
CA ASN B 101 -9.93 3.11 -1.41
C ASN B 101 -10.61 3.75 -2.59
N GLU B 102 -10.86 3.00 -3.66
CA GLU B 102 -11.84 3.41 -4.64
C GLU B 102 -13.22 3.15 -4.06
N LEU B 103 -14.25 3.72 -4.66
CA LEU B 103 -15.60 3.39 -4.27
C LEU B 103 -16.24 2.60 -5.40
N SER B 104 -16.69 1.40 -5.10
CA SER B 104 -17.39 0.62 -6.09
C SER B 104 -18.84 1.09 -6.19
N ASP B 105 -19.46 0.76 -7.31
CA ASP B 105 -20.89 1.01 -7.46
C ASP B 105 -21.60 -0.14 -8.15
N LYS B 106 -21.10 -1.35 -8.00
CA LYS B 106 -21.69 -2.50 -8.66
C LYS B 106 -22.73 -3.17 -7.78
N ILE B 107 -23.50 -4.06 -8.38
CA ILE B 107 -24.49 -4.86 -7.67
C ILE B 107 -23.98 -6.28 -7.64
N TYR B 108 -24.02 -6.90 -6.48
CA TYR B 108 -23.52 -8.26 -6.32
C TYR B 108 -24.64 -9.11 -5.75
N ILE B 109 -25.11 -10.04 -6.56
CA ILE B 109 -26.15 -10.98 -6.17
C ILE B 109 -25.46 -12.20 -5.58
N MET B 110 -25.71 -12.46 -4.30
CA MET B 110 -24.97 -13.44 -3.53
C MET B 110 -25.90 -14.55 -3.07
N SER B 111 -25.74 -15.75 -3.62
CA SER B 111 -26.68 -16.82 -3.33
C SER B 111 -25.91 -18.12 -3.14
N VAL B 112 -26.66 -19.15 -2.74
CA VAL B 112 -26.11 -20.47 -2.51
C VAL B 112 -26.24 -21.26 -3.79
N ALA B 113 -25.11 -21.79 -4.28
CA ALA B 113 -25.16 -22.65 -5.45
C ALA B 113 -25.38 -24.10 -5.09
N CYS B 114 -24.69 -24.59 -4.07
CA CYS B 114 -24.80 -25.98 -3.64
C CYS B 114 -24.30 -26.08 -2.21
N LYS B 115 -24.66 -27.18 -1.55
CA LYS B 115 -24.19 -27.47 -0.20
C LYS B 115 -24.26 -28.98 -0.02
N ASN B 116 -23.09 -29.62 -0.05
CA ASN B 116 -23.01 -31.08 0.04
C ASN B 116 -22.15 -31.47 1.24
N ASN B 117 -22.77 -32.21 2.18
CA ASN B 117 -22.17 -32.57 3.47
C ASN B 117 -21.68 -31.34 4.22
N LYS B 118 -22.54 -30.32 4.25
CA LYS B 118 -22.31 -28.99 4.85
C LYS B 118 -21.08 -28.29 4.28
N LYS B 119 -20.68 -28.63 3.06
CA LYS B 119 -19.63 -27.91 2.35
C LYS B 119 -20.34 -26.96 1.41
N VAL B 120 -20.30 -25.67 1.73
CA VAL B 120 -21.07 -24.68 1.01
C VAL B 120 -20.42 -24.38 -0.34
N THR B 121 -21.21 -23.89 -1.26
CA THR B 121 -20.72 -23.51 -2.58
C THR B 121 -21.50 -22.28 -3.00
N PHE B 122 -20.80 -21.18 -3.18
CA PHE B 122 -21.47 -19.91 -3.37
C PHE B 122 -21.53 -19.54 -4.84
N ARG B 123 -22.45 -18.65 -5.17
CA ARG B 123 -22.50 -18.03 -6.48
C ARG B 123 -22.90 -16.59 -6.32
N CYS B 124 -22.01 -15.68 -6.70
CA CYS B 124 -22.36 -14.28 -6.80
C CYS B 124 -22.20 -13.84 -8.25
N THR B 125 -23.09 -12.93 -8.64
CA THR B 125 -23.13 -12.43 -10.00
C THR B 125 -23.10 -10.92 -9.98
N GLU B 126 -22.33 -10.36 -10.90
CA GLU B 126 -22.16 -8.91 -11.02
C GLU B 126 -23.36 -8.40 -11.80
N LYS B 127 -24.40 -8.02 -11.07
CA LYS B 127 -25.51 -7.30 -11.66
C LYS B 127 -25.11 -5.85 -11.79
N ASP B 128 -25.13 -5.35 -13.01
CA ASP B 128 -24.75 -3.99 -13.33
C ASP B 128 -25.99 -3.11 -13.33
N LEU B 129 -25.80 -1.84 -12.97
CA LEU B 129 -26.90 -0.92 -12.90
C LEU B 129 -27.04 -0.15 -14.21
N VAL B 130 -28.27 -0.02 -14.68
CA VAL B 130 -28.57 0.65 -15.94
C VAL B 130 -29.60 1.75 -15.68
N GLY B 131 -29.27 2.96 -16.08
CA GLY B 131 -30.18 4.07 -15.92
C GLY B 131 -29.71 5.09 -14.91
N ASP B 132 -30.62 5.59 -14.08
CA ASP B 132 -30.32 6.65 -13.13
C ASP B 132 -29.56 6.08 -11.93
N VAL B 133 -28.29 5.80 -12.16
CA VAL B 133 -27.44 5.19 -11.14
C VAL B 133 -27.05 6.25 -10.12
N PRO B 134 -26.71 5.87 -8.90
CA PRO B 134 -26.11 6.83 -7.97
C PRO B 134 -24.60 6.90 -8.16
N GLU B 135 -24.01 7.88 -7.49
CA GLU B 135 -22.57 7.92 -7.39
C GLU B 135 -22.10 6.79 -6.48
N PRO B 136 -20.89 6.28 -6.68
CA PRO B 136 -20.36 5.26 -5.77
C PRO B 136 -20.11 5.86 -4.41
N ARG B 137 -20.51 5.15 -3.37
CA ARG B 137 -20.54 5.73 -2.04
C ARG B 137 -20.46 4.60 -1.01
N TYR B 138 -20.18 4.98 0.22
CA TYR B 138 -20.17 4.04 1.32
C TYR B 138 -20.95 4.66 2.48
N GLY B 139 -21.25 3.85 3.48
CA GLY B 139 -22.12 4.29 4.55
C GLY B 139 -23.57 4.43 4.19
N HIS B 140 -23.96 3.98 3.00
CA HIS B 140 -25.33 4.04 2.54
C HIS B 140 -26.05 2.79 3.02
N SER B 141 -27.35 2.73 2.75
CA SER B 141 -28.13 1.57 3.13
C SER B 141 -29.15 1.27 2.04
N ILE B 142 -29.51 0.00 1.92
CA ILE B 142 -30.48 -0.45 0.96
C ILE B 142 -31.36 -1.51 1.61
N ASP B 143 -32.66 -1.39 1.41
CA ASP B 143 -33.62 -2.37 1.88
C ASP B 143 -34.41 -2.90 0.69
N VAL B 144 -34.92 -4.11 0.82
CA VAL B 144 -35.85 -4.66 -0.15
C VAL B 144 -37.25 -4.40 0.41
N VAL B 145 -38.22 -4.23 -0.48
CA VAL B 145 -39.55 -3.84 -0.03
C VAL B 145 -40.57 -4.48 -0.97
N TYR B 146 -41.78 -4.66 -0.47
CA TYR B 146 -42.84 -5.32 -1.21
C TYR B 146 -44.08 -4.43 -1.29
N SER B 147 -44.84 -4.62 -2.36
CA SER B 147 -46.15 -4.02 -2.54
C SER B 147 -46.85 -4.76 -3.66
N ARG B 148 -48.02 -5.32 -3.33
CA ARG B 148 -49.01 -5.80 -4.30
C ARG B 148 -48.45 -6.89 -5.20
N GLY B 149 -47.83 -7.90 -4.59
CA GLY B 149 -47.20 -8.98 -5.31
C GLY B 149 -45.90 -8.63 -5.97
N LYS B 150 -45.40 -7.42 -5.80
CA LYS B 150 -44.22 -6.91 -6.47
C LYS B 150 -43.20 -6.47 -5.42
N SER B 151 -41.95 -6.34 -5.85
CA SER B 151 -40.89 -6.00 -4.91
C SER B 151 -39.85 -5.12 -5.58
N MET B 152 -39.20 -4.29 -4.78
CA MET B 152 -38.23 -3.32 -5.27
C MET B 152 -37.10 -3.18 -4.25
N GLY B 153 -36.06 -2.45 -4.65
CA GLY B 153 -34.98 -2.10 -3.76
C GLY B 153 -34.90 -0.60 -3.55
N VAL B 154 -35.05 -0.18 -2.30
CA VAL B 154 -34.97 1.23 -1.94
C VAL B 154 -33.59 1.52 -1.34
N LEU B 155 -32.91 2.53 -1.87
CA LEU B 155 -31.54 2.83 -1.50
C LEU B 155 -31.46 4.27 -1.03
N PHE B 156 -30.96 4.46 0.18
CA PHE B 156 -30.72 5.78 0.73
C PHE B 156 -29.23 5.97 0.94
N GLY B 157 -28.76 7.19 0.70
CA GLY B 157 -27.34 7.43 0.52
C GLY B 157 -26.58 7.64 1.81
N GLY B 158 -25.27 7.44 1.70
CA GLY B 158 -24.34 7.67 2.78
C GLY B 158 -23.46 8.85 2.44
N ARG B 159 -22.15 8.67 2.50
CA ARG B 159 -21.20 9.69 2.09
C ARG B 159 -20.32 9.15 0.98
N SER B 160 -19.58 10.04 0.34
CA SER B 160 -18.70 9.66 -0.75
C SER B 160 -17.57 10.69 -0.84
N TYR B 161 -16.75 10.55 -1.87
CA TYR B 161 -15.69 11.50 -2.11
C TYR B 161 -16.23 12.82 -2.64
N MET B 162 -15.31 13.74 -2.89
CA MET B 162 -15.63 14.94 -3.64
C MET B 162 -15.87 14.57 -5.10
N PRO B 163 -16.64 15.37 -5.84
CA PRO B 163 -16.81 15.11 -7.26
C PRO B 163 -15.52 15.35 -8.02
N SER B 164 -15.51 14.89 -9.27
CA SER B 164 -14.32 14.84 -10.12
C SER B 164 -13.73 16.21 -10.46
N THR B 165 -14.40 17.31 -10.18
CA THR B 165 -13.85 18.63 -10.46
C THR B 165 -13.17 19.25 -9.26
N GLN B 166 -13.67 18.98 -8.05
CA GLN B 166 -13.08 19.52 -6.83
C GLN B 166 -12.05 18.58 -6.21
N ARG B 167 -11.68 17.52 -6.91
CA ARG B 167 -10.64 16.63 -6.44
C ARG B 167 -9.30 17.32 -6.57
N THR B 168 -8.87 18.01 -5.52
CA THR B 168 -7.52 18.53 -5.47
C THR B 168 -6.69 17.60 -4.60
N THR B 169 -5.41 17.53 -4.87
CA THR B 169 -4.60 16.50 -4.23
C THR B 169 -4.06 16.93 -2.88
N GLU B 170 -4.68 17.89 -2.24
CA GLU B 170 -4.56 18.06 -0.80
C GLU B 170 -5.84 17.74 -0.08
N LYS B 171 -6.91 17.49 -0.84
CA LYS B 171 -8.18 17.03 -0.32
C LYS B 171 -8.60 15.77 -1.06
N TRP B 172 -7.60 15.00 -1.50
CA TRP B 172 -7.86 13.86 -2.37
C TRP B 172 -8.61 12.74 -1.66
N ASN B 173 -8.48 12.67 -0.35
CA ASN B 173 -9.24 11.72 0.46
C ASN B 173 -10.26 12.44 1.31
N SER B 174 -10.68 13.63 0.91
CA SER B 174 -11.76 14.30 1.61
C SER B 174 -13.09 13.75 1.16
N VAL B 175 -14.06 13.80 2.05
CA VAL B 175 -15.37 13.18 1.82
C VAL B 175 -16.47 14.16 2.17
N ALA B 176 -17.58 14.03 1.48
CA ALA B 176 -18.78 14.81 1.77
C ALA B 176 -19.99 13.90 1.66
N ASP B 177 -21.08 14.33 2.30
CA ASP B 177 -22.32 13.59 2.27
C ASP B 177 -22.92 13.60 0.86
N CYS B 178 -23.52 12.47 0.49
CA CYS B 178 -24.22 12.41 -0.79
C CYS B 178 -25.52 13.18 -0.71
N LEU B 179 -26.13 13.38 -1.88
CA LEU B 179 -27.37 14.10 -1.99
C LEU B 179 -28.49 13.33 -1.32
N PRO B 180 -29.41 13.98 -0.62
CA PRO B 180 -30.56 13.27 -0.06
C PRO B 180 -31.55 12.84 -1.12
N HIS B 181 -31.16 11.89 -1.96
CA HIS B 181 -32.05 11.32 -2.96
C HIS B 181 -32.50 9.95 -2.48
N VAL B 182 -33.49 9.37 -3.15
CA VAL B 182 -33.87 7.99 -2.90
C VAL B 182 -33.84 7.24 -4.23
N PHE B 183 -33.19 6.08 -4.23
CA PHE B 183 -32.96 5.36 -5.48
C PHE B 183 -33.80 4.09 -5.48
N LEU B 184 -34.69 3.98 -6.44
CA LEU B 184 -35.53 2.81 -6.59
C LEU B 184 -34.89 1.94 -7.66
N ILE B 185 -34.71 0.66 -7.34
CA ILE B 185 -34.01 -0.27 -8.21
C ILE B 185 -34.90 -1.48 -8.45
N ASP B 186 -35.04 -1.85 -9.72
CA ASP B 186 -35.64 -3.13 -10.10
C ASP B 186 -34.53 -4.08 -10.51
N PHE B 187 -34.56 -5.29 -9.98
CA PHE B 187 -33.50 -6.26 -10.21
C PHE B 187 -33.87 -7.28 -11.28
N GLU B 188 -35.10 -7.21 -11.81
CA GLU B 188 -35.43 -8.05 -12.95
C GLU B 188 -34.71 -7.58 -14.20
N PHE B 189 -34.57 -6.26 -14.36
CA PHE B 189 -33.69 -5.71 -15.38
C PHE B 189 -32.57 -4.90 -14.77
N GLY B 190 -32.59 -4.66 -13.47
CA GLY B 190 -31.58 -3.82 -12.85
C GLY B 190 -31.70 -2.36 -13.21
N CYS B 191 -32.92 -1.89 -13.48
CA CYS B 191 -33.10 -0.51 -13.85
C CYS B 191 -33.15 0.36 -12.60
N ALA B 192 -32.67 1.59 -12.74
CA ALA B 192 -32.48 2.49 -11.62
C ALA B 192 -33.22 3.79 -11.90
N THR B 193 -34.04 4.23 -10.95
CA THR B 193 -34.76 5.49 -11.04
C THR B 193 -34.45 6.29 -9.79
N SER B 194 -33.88 7.48 -9.98
CA SER B 194 -33.71 8.33 -8.82
C SER B 194 -34.98 9.12 -8.54
N TYR B 195 -35.07 9.60 -7.31
CA TYR B 195 -36.21 10.44 -6.93
C TYR B 195 -35.73 11.46 -5.93
N ILE B 196 -36.06 12.71 -6.20
CA ILE B 196 -35.90 13.80 -5.25
C ILE B 196 -37.13 13.81 -4.35
N LEU B 197 -36.90 13.95 -3.06
CA LEU B 197 -38.00 13.91 -2.12
C LEU B 197 -37.88 15.07 -1.16
N PRO B 198 -38.99 15.75 -0.85
CA PRO B 198 -38.90 17.10 -0.29
C PRO B 198 -38.62 17.15 1.19
N GLU B 199 -39.03 16.15 1.97
CA GLU B 199 -38.90 16.28 3.42
C GLU B 199 -37.47 15.96 3.86
N LEU B 200 -36.67 15.35 3.00
CA LEU B 200 -35.28 15.07 3.30
C LEU B 200 -34.40 16.19 2.77
N GLN B 201 -33.62 16.78 3.66
CA GLN B 201 -32.82 17.96 3.34
C GLN B 201 -31.33 17.70 3.47
N ASP B 202 -30.91 16.90 4.44
CA ASP B 202 -29.49 16.78 4.76
C ASP B 202 -28.95 15.43 4.33
N GLY B 203 -27.66 15.40 4.02
CA GLY B 203 -26.99 14.13 3.79
C GLY B 203 -26.79 13.41 5.11
N LEU B 204 -26.93 12.09 5.06
CA LEU B 204 -26.87 11.26 6.25
C LEU B 204 -25.96 10.07 5.98
N SER B 205 -25.32 9.55 7.04
CA SER B 205 -24.33 8.50 6.87
C SER B 205 -24.31 7.61 8.10
N PHE B 206 -24.06 6.31 7.85
CA PHE B 206 -24.03 5.26 8.87
C PHE B 206 -25.33 5.20 9.66
N HIS B 207 -26.43 4.99 8.93
CA HIS B 207 -27.77 5.00 9.51
C HIS B 207 -28.33 3.59 9.56
N VAL B 208 -29.53 3.46 10.12
CA VAL B 208 -30.17 2.18 10.37
C VAL B 208 -31.45 2.10 9.56
N SER B 209 -31.61 1.04 8.79
CA SER B 209 -32.74 0.89 7.87
C SER B 209 -33.52 -0.36 8.22
N ILE B 210 -34.83 -0.21 8.42
CA ILE B 210 -35.73 -1.33 8.72
C ILE B 210 -36.79 -1.37 7.64
N ALA B 211 -37.03 -2.56 7.10
CA ALA B 211 -37.98 -2.74 6.00
C ALA B 211 -39.18 -3.53 6.51
N ARG B 212 -40.24 -2.84 6.95
CA ARG B 212 -41.49 -3.49 7.33
C ARG B 212 -42.38 -3.58 6.09
N ASN B 213 -41.92 -4.42 5.15
CA ASN B 213 -42.65 -5.15 4.11
C ASN B 213 -43.47 -4.31 3.12
N ASP B 214 -43.73 -3.05 3.44
CA ASP B 214 -44.16 -2.06 2.47
C ASP B 214 -43.65 -0.68 2.84
N THR B 215 -42.90 -0.53 3.93
CA THR B 215 -42.53 0.79 4.43
C THR B 215 -41.18 0.69 5.10
N VAL B 216 -40.27 1.59 4.77
CA VAL B 216 -38.93 1.56 5.35
C VAL B 216 -38.77 2.70 6.35
N TYR B 217 -38.33 2.35 7.55
CA TYR B 217 -38.08 3.30 8.62
C TYR B 217 -36.59 3.46 8.80
N ILE B 218 -36.13 4.70 8.81
CA ILE B 218 -34.70 5.00 8.88
C ILE B 218 -34.44 5.79 10.15
N LEU B 219 -33.62 5.22 11.02
CA LEU B 219 -33.29 5.85 12.29
C LEU B 219 -31.78 5.98 12.43
N GLY B 220 -31.35 7.12 12.96
CA GLY B 220 -29.97 7.33 13.28
C GLY B 220 -29.17 7.76 12.08
N GLY B 221 -27.86 7.77 12.28
CA GLY B 221 -26.97 8.18 11.22
C GLY B 221 -26.38 9.56 11.40
N HIS B 222 -25.21 9.79 10.84
CA HIS B 222 -24.49 11.04 11.03
C HIS B 222 -24.64 11.92 9.80
N SER B 223 -24.82 13.22 10.03
CA SER B 223 -24.77 14.22 8.97
C SER B 223 -23.40 14.88 9.07
N LEU B 224 -22.57 14.67 8.05
CA LEU B 224 -21.19 15.14 8.14
C LEU B 224 -21.09 16.63 7.90
N ALA B 225 -21.83 17.17 6.94
CA ALA B 225 -21.70 18.58 6.58
C ALA B 225 -22.16 19.51 7.69
N SER B 226 -23.08 19.06 8.54
CA SER B 226 -23.40 19.78 9.75
C SER B 226 -22.62 19.26 10.94
N ASN B 227 -21.98 18.09 10.81
CA ASN B 227 -21.16 17.46 11.83
C ASN B 227 -21.92 17.22 13.13
N ILE B 228 -23.19 16.83 13.00
CA ILE B 228 -23.97 16.36 14.14
C ILE B 228 -24.62 15.03 13.76
N ARG B 229 -25.16 14.37 14.78
CA ARG B 229 -25.94 13.15 14.63
C ARG B 229 -27.33 13.44 15.19
N PRO B 230 -28.30 13.70 14.33
CA PRO B 230 -29.62 14.07 14.83
C PRO B 230 -30.43 12.86 15.26
N ALA B 231 -31.50 13.12 16.02
CA ALA B 231 -32.38 12.07 16.52
C ALA B 231 -33.63 11.91 15.68
N ASN B 232 -33.52 12.10 14.37
CA ASN B 232 -34.70 12.08 13.50
C ASN B 232 -34.83 10.72 12.87
N LEU B 233 -36.01 10.12 12.96
CA LEU B 233 -36.34 8.96 12.18
C LEU B 233 -37.26 9.39 11.05
N TYR B 234 -37.27 8.61 9.98
CA TYR B 234 -38.06 8.94 8.81
C TYR B 234 -38.77 7.70 8.32
N ARG B 235 -40.09 7.81 8.19
CA ARG B 235 -40.89 6.74 7.64
C ARG B 235 -41.11 7.01 6.16
N ILE B 236 -40.81 6.03 5.33
CA ILE B 236 -40.94 6.18 3.89
C ILE B 236 -41.92 5.13 3.41
N ARG B 237 -43.06 5.60 2.92
CA ARG B 237 -44.05 4.77 2.28
C ARG B 237 -43.75 4.68 0.80
N VAL B 238 -43.82 3.47 0.27
CA VAL B 238 -43.52 3.24 -1.14
C VAL B 238 -44.62 2.36 -1.71
N ASP B 239 -45.00 2.62 -2.95
CA ASP B 239 -45.96 1.76 -3.62
C ASP B 239 -45.71 1.80 -5.11
N LEU B 240 -45.84 0.65 -5.77
CA LEU B 240 -45.73 0.62 -7.22
C LEU B 240 -47.05 0.20 -7.86
N PRO B 241 -47.62 1.02 -8.71
CA PRO B 241 -48.64 0.52 -9.64
C PRO B 241 -47.97 -0.07 -10.87
N LEU B 242 -48.77 -0.41 -11.88
CA LEU B 242 -48.21 -0.90 -13.13
C LEU B 242 -47.54 0.23 -13.92
N GLY B 243 -47.94 1.47 -13.65
CA GLY B 243 -47.29 2.61 -14.27
C GLY B 243 -46.10 3.08 -13.48
N THR B 244 -46.06 4.37 -13.16
CA THR B 244 -44.88 4.84 -12.43
C THR B 244 -45.12 4.74 -10.92
N PRO B 245 -44.20 4.11 -10.20
CA PRO B 245 -44.32 4.01 -8.74
C PRO B 245 -44.21 5.37 -8.06
N ALA B 246 -44.60 5.37 -6.79
CA ALA B 246 -44.68 6.58 -6.00
C ALA B 246 -44.09 6.35 -4.62
N VAL B 247 -43.51 7.41 -4.07
CA VAL B 247 -42.87 7.39 -2.77
C VAL B 247 -43.51 8.47 -1.91
N ASN B 248 -43.24 8.41 -0.62
CA ASN B 248 -43.75 9.36 0.35
C ASN B 248 -42.84 9.32 1.56
N CYS B 249 -42.59 10.49 2.14
CA CYS B 249 -41.83 10.57 3.38
C CYS B 249 -42.67 11.22 4.45
N THR B 250 -42.41 10.81 5.69
CA THR B 250 -43.05 11.36 6.87
C THR B 250 -42.05 11.41 8.01
N VAL B 251 -42.16 12.45 8.82
CA VAL B 251 -41.32 12.62 10.00
C VAL B 251 -42.14 12.24 11.22
N LEU B 252 -41.67 11.25 11.95
CA LEU B 252 -42.33 10.82 13.17
C LEU B 252 -41.41 11.10 14.35
N PRO B 253 -41.86 11.91 15.31
CA PRO B 253 -40.97 12.35 16.40
C PRO B 253 -40.71 11.21 17.38
N GLY B 254 -39.65 11.38 18.17
CA GLY B 254 -39.28 10.41 19.17
C GLY B 254 -38.22 9.41 18.76
N GLY B 255 -37.22 9.85 17.98
CA GLY B 255 -36.14 8.97 17.59
C GLY B 255 -35.01 8.95 18.60
N ILE B 256 -33.83 8.56 18.12
CA ILE B 256 -32.63 8.51 18.95
C ILE B 256 -31.46 9.00 18.10
N SER B 257 -30.52 9.67 18.74
CA SER B 257 -29.40 10.32 18.06
C SER B 257 -28.17 9.44 18.16
N VAL B 258 -28.14 8.36 17.37
CA VAL B 258 -27.03 7.42 17.41
C VAL B 258 -26.63 7.05 15.99
N SER B 259 -25.36 7.25 15.68
CA SER B 259 -24.82 6.89 14.38
C SER B 259 -24.15 5.54 14.45
N SER B 260 -24.31 4.75 13.38
CA SER B 260 -23.73 3.41 13.20
C SER B 260 -24.04 2.49 14.39
N ALA B 261 -25.32 2.23 14.59
CA ALA B 261 -25.74 1.16 15.48
C ALA B 261 -25.83 -0.14 14.70
N ILE B 262 -26.14 -1.22 15.41
CA ILE B 262 -26.20 -2.55 14.81
C ILE B 262 -27.58 -3.13 15.06
N LEU B 263 -28.19 -3.65 14.01
CA LEU B 263 -29.54 -4.18 13.99
C LEU B 263 -29.54 -5.70 13.87
N THR B 264 -30.52 -6.33 14.51
CA THR B 264 -30.92 -7.69 14.15
C THR B 264 -32.38 -7.88 14.48
N GLN B 265 -32.89 -9.05 14.11
CA GLN B 265 -34.31 -9.40 14.25
C GLN B 265 -34.43 -10.47 15.33
N THR B 266 -34.85 -10.06 16.52
CA THR B 266 -35.00 -11.06 17.58
C THR B 266 -36.41 -11.64 17.60
N ASN B 267 -37.39 -10.90 17.07
CA ASN B 267 -38.76 -11.37 16.97
C ASN B 267 -39.34 -10.90 15.66
N ASN B 268 -40.41 -11.55 15.23
CA ASN B 268 -41.13 -11.08 14.05
C ASN B 268 -41.88 -9.81 14.41
N ASP B 269 -41.78 -8.81 13.52
CA ASP B 269 -42.29 -7.45 13.74
C ASP B 269 -41.75 -6.82 15.02
N GLU B 270 -40.50 -7.14 15.38
CA GLU B 270 -39.86 -6.57 16.55
C GLU B 270 -38.35 -6.71 16.40
N PHE B 271 -37.68 -5.60 16.12
CA PHE B 271 -36.24 -5.62 15.85
C PHE B 271 -35.49 -5.08 17.05
N VAL B 272 -34.17 -5.13 16.99
CA VAL B 272 -33.38 -4.74 18.14
C VAL B 272 -32.03 -4.15 17.69
N ILE B 273 -31.74 -2.95 18.21
CA ILE B 273 -30.51 -2.24 17.92
C ILE B 273 -29.63 -2.23 19.17
N VAL B 274 -28.31 -2.28 18.96
CA VAL B 274 -27.37 -2.29 20.06
C VAL B 274 -26.46 -1.07 19.98
N GLY B 275 -25.52 -0.95 20.93
CA GLY B 275 -24.74 0.24 21.17
C GLY B 275 -23.84 0.76 20.07
N GLY B 276 -24.02 2.04 19.74
CA GLY B 276 -23.20 2.73 18.76
C GLY B 276 -22.53 3.97 19.32
N TYR B 277 -22.83 5.14 18.76
CA TYR B 277 -22.18 6.37 19.18
C TYR B 277 -23.21 7.48 19.36
N GLN B 278 -23.38 7.92 20.60
CA GLN B 278 -24.18 9.10 20.89
C GLN B 278 -23.52 10.36 20.36
N LEU B 279 -22.35 10.68 20.86
CA LEU B 279 -21.57 11.80 20.37
C LEU B 279 -20.25 11.31 19.82
N GLU B 280 -19.40 12.28 19.45
CA GLU B 280 -18.07 11.97 18.94
C GLU B 280 -17.14 11.52 20.06
N ASN B 281 -17.48 11.81 21.30
CA ASN B 281 -16.74 11.34 22.46
C ASN B 281 -17.57 10.43 23.34
N GLN B 282 -18.88 10.46 23.19
CA GLN B 282 -19.79 9.64 23.99
C GLN B 282 -20.36 8.57 23.07
N LYS B 283 -19.95 7.33 23.29
CA LYS B 283 -20.57 6.22 22.59
C LYS B 283 -21.95 5.96 23.16
N ARG B 284 -22.78 5.24 22.40
CA ARG B 284 -24.08 4.83 22.88
C ARG B 284 -23.88 3.60 23.73
N MET B 285 -24.02 3.75 25.04
CA MET B 285 -23.88 2.62 25.94
C MET B 285 -25.14 1.78 26.06
N VAL B 286 -26.31 2.40 25.95
CA VAL B 286 -27.59 1.73 26.12
C VAL B 286 -27.90 0.94 24.85
N CYS B 287 -28.91 0.09 24.94
CA CYS B 287 -29.31 -0.77 23.83
C CYS B 287 -30.84 -0.85 23.78
N SER B 288 -31.40 -0.89 22.57
CA SER B 288 -32.84 -0.73 22.45
C SER B 288 -33.50 -1.90 21.74
N LEU B 289 -34.74 -2.14 22.12
CA LEU B 289 -35.63 -3.03 21.42
C LEU B 289 -36.67 -2.15 20.72
N VAL B 290 -36.65 -2.13 19.40
CA VAL B 290 -37.66 -1.39 18.64
C VAL B 290 -38.82 -2.33 18.35
N SER B 291 -39.98 -1.99 18.91
CA SER B 291 -41.19 -2.77 18.72
C SER B 291 -41.90 -2.20 17.51
N LEU B 292 -41.94 -2.98 16.44
CA LEU B 292 -42.43 -2.50 15.17
C LEU B 292 -43.95 -2.56 15.15
N GLY B 293 -44.53 -2.35 13.97
CA GLY B 293 -45.96 -2.45 13.82
C GLY B 293 -46.30 -2.51 12.36
N ASP B 294 -47.58 -2.75 12.07
CA ASP B 294 -48.03 -2.70 10.70
C ASP B 294 -48.05 -1.27 10.19
N ASN B 295 -48.51 -0.34 11.01
CA ASN B 295 -48.51 1.08 10.68
C ASN B 295 -47.81 1.93 11.72
N THR B 296 -47.96 1.65 13.01
CA THR B 296 -47.34 2.43 14.06
C THR B 296 -46.30 1.59 14.78
N ILE B 297 -45.08 2.13 14.81
CA ILE B 297 -43.95 1.48 15.45
C ILE B 297 -43.46 2.41 16.57
N GLU B 298 -42.70 1.84 17.50
CA GLU B 298 -42.08 2.64 18.55
C GLU B 298 -40.81 1.94 19.03
N ILE B 299 -40.11 2.63 19.92
CA ILE B 299 -38.76 2.26 20.33
C ILE B 299 -38.69 2.28 21.85
N SER B 300 -38.29 1.17 22.45
CA SER B 300 -38.13 1.13 23.90
C SER B 300 -36.75 0.60 24.22
N GLU B 301 -36.38 0.70 25.49
CA GLU B 301 -35.08 0.25 25.96
C GLU B 301 -35.18 -1.18 26.47
N MET B 302 -34.08 -1.92 26.37
CA MET B 302 -33.98 -3.20 27.05
C MET B 302 -33.37 -2.95 28.43
N GLU B 303 -33.10 -4.02 29.17
CA GLU B 303 -32.67 -3.87 30.56
C GLU B 303 -31.16 -3.76 30.69
N THR B 304 -30.54 -2.89 29.85
CA THR B 304 -29.16 -2.40 29.89
C THR B 304 -28.13 -3.52 30.07
N PRO B 305 -27.78 -4.24 28.99
CA PRO B 305 -26.85 -5.38 29.10
C PRO B 305 -25.51 -5.03 29.68
N ASP B 306 -25.00 -5.91 30.53
CA ASP B 306 -23.76 -5.63 31.25
C ASP B 306 -22.56 -5.73 30.31
N TRP B 307 -21.59 -4.85 30.52
CA TRP B 307 -20.34 -4.88 29.78
C TRP B 307 -19.21 -5.32 30.69
N THR B 308 -17.99 -5.29 30.15
CA THR B 308 -16.81 -5.59 30.94
C THR B 308 -15.92 -4.37 31.00
N SER B 309 -14.69 -4.53 31.51
CA SER B 309 -13.82 -3.38 31.73
C SER B 309 -13.33 -2.78 30.42
N ASP B 310 -12.97 -3.62 29.46
CA ASP B 310 -12.42 -3.10 28.21
C ASP B 310 -13.49 -2.46 27.35
N ILE B 311 -14.69 -3.05 27.35
CA ILE B 311 -15.80 -2.48 26.59
C ILE B 311 -16.25 -1.17 27.20
N LYS B 312 -16.23 -1.07 28.52
CA LYS B 312 -16.46 0.20 29.17
C LYS B 312 -15.22 1.08 29.18
N HIS B 313 -14.13 0.62 28.60
CA HIS B 313 -12.87 1.35 28.62
C HIS B 313 -12.35 1.73 27.25
N SER B 314 -12.66 0.98 26.20
CA SER B 314 -12.16 1.30 24.89
C SER B 314 -12.90 2.50 24.30
N LYS B 315 -12.22 3.20 23.41
CA LYS B 315 -12.78 4.37 22.75
C LYS B 315 -13.75 3.99 21.64
N ILE B 316 -13.51 2.89 20.96
CA ILE B 316 -14.27 2.50 19.80
C ILE B 316 -14.75 1.07 19.97
N TRP B 317 -15.78 0.72 19.23
CA TRP B 317 -16.12 -0.67 18.98
C TRP B 317 -16.65 -0.75 17.55
N PHE B 318 -16.95 -1.98 17.14
CA PHE B 318 -17.53 -2.25 15.83
C PHE B 318 -18.11 -3.65 15.89
N GLY B 319 -18.74 -4.05 14.80
CA GLY B 319 -19.26 -5.40 14.70
C GLY B 319 -20.50 -5.42 13.84
N SER B 320 -21.18 -6.55 13.88
CA SER B 320 -22.44 -6.69 13.14
C SER B 320 -23.26 -7.76 13.84
N ASN B 321 -24.29 -8.25 13.17
CA ASN B 321 -25.11 -9.33 13.69
C ASN B 321 -24.85 -10.60 12.90
N MET B 322 -24.99 -11.73 13.59
CA MET B 322 -24.79 -13.02 12.95
C MET B 322 -26.06 -13.54 12.27
N GLY B 323 -27.18 -12.86 12.47
CA GLY B 323 -28.41 -13.21 11.77
C GLY B 323 -29.45 -13.82 12.68
N ASN B 324 -29.03 -14.73 13.54
CA ASN B 324 -29.96 -15.44 14.42
C ASN B 324 -29.95 -14.85 15.83
N GLY B 325 -30.34 -13.58 15.92
CA GLY B 325 -30.46 -12.92 17.21
C GLY B 325 -29.17 -12.80 17.98
N THR B 326 -28.06 -12.65 17.27
CA THR B 326 -26.74 -12.82 17.87
C THR B 326 -25.79 -11.74 17.35
N ILE B 327 -25.22 -10.95 18.25
CA ILE B 327 -24.39 -9.82 17.88
C ILE B 327 -22.94 -10.18 18.09
N PHE B 328 -22.09 -9.86 17.11
CA PHE B 328 -20.66 -10.01 17.17
C PHE B 328 -20.05 -8.61 17.30
N LEU B 329 -19.17 -8.44 18.29
CA LEU B 329 -18.53 -7.16 18.56
C LEU B 329 -17.02 -7.34 18.65
N GLY B 330 -16.31 -6.26 18.33
CA GLY B 330 -14.86 -6.22 18.38
C GLY B 330 -14.30 -5.02 19.11
N ILE B 331 -13.10 -5.17 19.66
CA ILE B 331 -12.49 -4.15 20.52
C ILE B 331 -11.01 -4.03 20.18
N PRO B 332 -10.46 -2.81 20.06
CA PRO B 332 -9.03 -2.66 19.75
C PRO B 332 -8.10 -3.19 20.82
N GLY B 333 -8.34 -2.85 22.08
CA GLY B 333 -7.45 -3.28 23.14
C GLY B 333 -6.23 -2.39 23.28
N ASP B 334 -5.80 -2.13 24.51
CA ASP B 334 -4.73 -1.19 24.76
C ASP B 334 -3.39 -1.71 24.26
N ASN B 335 -2.66 -0.86 23.54
CA ASN B 335 -1.36 -1.22 23.00
C ASN B 335 -0.26 -1.19 24.03
N LYS B 336 -0.26 -0.22 24.94
CA LYS B 336 0.76 -0.12 26.00
C LYS B 336 0.49 -1.16 27.08
N GLN B 337 0.75 -2.41 26.73
CA GLN B 337 0.51 -3.55 27.60
C GLN B 337 1.53 -4.62 27.26
N ALA B 338 1.27 -5.85 27.70
CA ALA B 338 2.18 -6.97 27.46
C ALA B 338 1.98 -7.54 26.05
N MET B 339 2.42 -6.74 25.07
CA MET B 339 2.21 -6.91 23.61
C MET B 339 0.83 -7.48 23.28
N SER B 340 -0.19 -6.71 23.67
CA SER B 340 -1.57 -7.13 23.62
C SER B 340 -2.01 -7.35 22.17
N GLU B 341 -3.05 -8.16 22.01
CA GLU B 341 -3.46 -8.64 20.69
C GLU B 341 -4.09 -7.52 19.89
N ALA B 342 -4.34 -7.81 18.60
CA ALA B 342 -4.86 -6.80 17.69
C ALA B 342 -6.28 -6.42 18.06
N PHE B 343 -7.12 -7.40 18.35
CA PHE B 343 -8.52 -7.16 18.68
C PHE B 343 -9.01 -8.24 19.63
N TYR B 344 -10.00 -7.87 20.44
CA TYR B 344 -10.72 -8.79 21.30
C TYR B 344 -12.16 -8.86 20.83
N PHE B 345 -12.83 -9.97 21.16
CA PHE B 345 -14.10 -10.25 20.52
C PHE B 345 -15.13 -10.69 21.54
N TYR B 346 -16.37 -10.30 21.28
CA TYR B 346 -17.44 -10.54 22.21
C TYR B 346 -18.70 -10.92 21.45
N THR B 347 -19.56 -11.67 22.11
CA THR B 347 -20.87 -12.05 21.59
C THR B 347 -21.94 -11.54 22.55
N LEU B 348 -22.94 -10.89 22.01
CA LEU B 348 -24.11 -10.51 22.77
C LEU B 348 -25.30 -11.37 22.37
N ARG B 349 -26.01 -11.86 23.39
CA ARG B 349 -27.22 -12.65 23.25
C ARG B 349 -28.33 -11.99 24.07
N CYS B 350 -29.51 -11.93 23.47
CA CYS B 350 -30.66 -11.27 24.09
C CYS B 350 -31.85 -12.19 24.34
N SER B 351 -31.72 -13.49 24.06
CA SER B 351 -32.80 -14.51 24.14
C SER B 351 -34.09 -14.09 23.43
CA CA E . 12.22 -3.74 1.77
CA CA F . 15.39 -2.10 3.27
ZN ZN G . 11.61 -14.22 -15.57
#